data_6VNK
#
_entry.id   6VNK
#
_cell.length_a   111.672
_cell.length_b   70.434
_cell.length_c   112.786
_cell.angle_alpha   90.000
_cell.angle_beta   90.610
_cell.angle_gamma   90.000
#
_symmetry.space_group_name_H-M   'P 1 21 1'
#
loop_
_entity.id
_entity.type
_entity.pdbx_description
1 polymer 'Tyrosine-protein kinase JAK2'
2 non-polymer (3R)-3-cyclopentyl-3-[4-(7H-pyrrolo[2,3-d]pyrimidin-4-yl)-1H-pyrazol-1-yl]propanenitrile
3 water water
#
_entity_poly.entity_id   1
_entity_poly.type   'polypeptide(L)'
_entity_poly.pdbx_seq_one_letter_code
;HHHHHHHHENLYFQGDPTQFEERHLKFLQQLGKGNFGSVEMCRYDPLQDNTGEVVAVKKLQHSTEEHLRDFEREIEILKS
LQHDNIVKYKGVCYSAGRRNLKLIMEYLPYGSLRDYLQKHKERIDHIKLLQYTSQICKGMEYLGTKRYIHRDLATRNILV
ENENRVKIGDFGLTKVLPQDKE(PTR)YKVKEPGESPIFWYAPESLTESKFSVASDVWSFGVVLYELFTYIEKSKSPPAE
FMRMIGNDKQGQMIVFHLIELLKNNGRLPRPDGCPDEIYMIMTECWNNNVNQRPSFRDLALRVDQIRDNMAG
;
_entity_poly.pdbx_strand_id   D,B,C,A
#
loop_
_chem_comp.id
_chem_comp.type
_chem_comp.name
_chem_comp.formula
RXT non-polymer (3R)-3-cyclopentyl-3-[4-(7H-pyrrolo[2,3-d]pyrimidin-4-yl)-1H-pyrazol-1-yl]propanenitrile 'C17 H18 N6'
#
# COMPACT_ATOMS: atom_id res chain seq x y z
N GLN A 19 57.58 -2.81 -8.20
CA GLN A 19 58.96 -2.56 -7.83
C GLN A 19 59.73 -1.98 -9.02
N PHE A 20 59.16 -0.90 -9.54
CA PHE A 20 59.80 -0.03 -10.51
C PHE A 20 60.60 0.99 -9.72
N GLU A 21 61.75 1.40 -10.26
CA GLU A 21 62.66 2.33 -9.59
C GLU A 21 62.99 3.47 -10.58
N GLU A 22 63.05 4.72 -10.08
CA GLU A 22 62.79 5.91 -10.93
C GLU A 22 63.81 6.19 -12.05
N ARG A 23 65.07 5.72 -11.96
CA ARG A 23 65.99 5.88 -13.08
C ARG A 23 65.62 5.08 -14.32
N HIS A 24 64.64 4.19 -14.24
CA HIS A 24 64.10 3.61 -15.46
C HIS A 24 62.81 4.28 -15.92
N LEU A 25 62.22 5.15 -15.09
CA LEU A 25 61.01 5.90 -15.43
C LEU A 25 61.37 7.17 -16.19
N LYS A 26 60.93 7.26 -17.44
CA LYS A 26 61.21 8.38 -18.31
C LYS A 26 59.95 9.25 -18.44
N PHE A 27 60.02 10.49 -17.95
CA PHE A 27 58.86 11.38 -18.03
C PHE A 27 58.47 11.69 -19.48
N LEU A 28 57.17 11.58 -19.78
CA LEU A 28 56.63 11.96 -21.07
C LEU A 28 55.71 13.17 -21.00
N GLN A 29 54.76 13.19 -20.05
CA GLN A 29 53.97 14.41 -19.91
C GLN A 29 53.13 14.34 -18.63
N GLN A 30 52.50 15.45 -18.30
CA GLN A 30 51.57 15.47 -17.18
C GLN A 30 50.20 15.04 -17.68
N LEU A 31 49.54 14.17 -16.91
CA LEU A 31 48.20 13.73 -17.25
C LEU A 31 47.14 14.38 -16.40
N GLY A 32 47.45 14.73 -15.17
CA GLY A 32 46.45 15.30 -14.30
C GLY A 32 47.09 15.86 -13.06
N LYS A 33 46.39 16.82 -12.48
CA LYS A 33 46.81 17.50 -11.26
C LYS A 33 45.63 17.39 -10.34
N GLY A 34 45.82 16.65 -9.26
CA GLY A 34 44.79 16.47 -8.30
C GLY A 34 44.85 17.33 -7.09
N ASN A 35 44.31 16.73 -6.04
CA ASN A 35 44.17 17.30 -4.72
C ASN A 35 45.36 16.81 -3.91
N PHE A 36 46.48 17.54 -3.97
CA PHE A 36 47.78 17.22 -3.36
C PHE A 36 48.61 16.17 -4.12
N GLY A 37 48.20 15.80 -5.33
CA GLY A 37 48.95 14.83 -6.11
C GLY A 37 48.86 15.13 -7.59
N SER A 38 49.69 14.47 -8.36
CA SER A 38 49.60 14.60 -9.80
C SER A 38 50.00 13.28 -10.45
N VAL A 39 49.52 13.09 -11.67
CA VAL A 39 49.74 11.88 -12.43
C VAL A 39 50.50 12.23 -13.71
N GLU A 40 51.57 11.50 -13.98
CA GLU A 40 52.42 11.71 -15.15
C GLU A 40 52.38 10.47 -16.04
N MET A 41 52.37 10.71 -17.33
CA MET A 41 52.62 9.65 -18.31
C MET A 41 54.12 9.45 -18.42
N CYS A 42 54.57 8.21 -18.16
CA CYS A 42 55.99 7.86 -18.21
C CYS A 42 56.19 6.58 -19.00
N ARG A 43 57.42 6.35 -19.45
CA ARG A 43 57.81 5.08 -20.05
C ARG A 43 58.73 4.36 -19.07
N TYR A 44 58.33 3.16 -18.65
CA TYR A 44 59.18 2.29 -17.85
C TYR A 44 60.03 1.43 -18.78
N ASP A 45 61.32 1.74 -18.86
CA ASP A 45 62.22 1.17 -19.88
C ASP A 45 63.50 0.67 -19.21
N PRO A 46 63.40 -0.41 -18.42
CA PRO A 46 64.59 -0.91 -17.73
C PRO A 46 65.67 -1.41 -18.67
N LEU A 47 65.30 -1.98 -19.82
CA LEU A 47 66.30 -2.40 -20.80
C LEU A 47 66.87 -1.24 -21.59
N GLN A 48 66.33 -0.03 -21.42
CA GLN A 48 66.87 1.19 -22.02
C GLN A 48 66.95 1.10 -23.55
N ASP A 49 66.06 0.31 -24.17
CA ASP A 49 65.99 0.21 -25.63
C ASP A 49 64.65 0.68 -26.19
N ASN A 50 63.87 1.44 -25.43
CA ASN A 50 62.58 1.97 -25.88
C ASN A 50 61.59 0.85 -26.23
N THR A 51 61.69 -0.30 -25.56
CA THR A 51 60.69 -1.35 -25.65
C THR A 51 59.71 -1.38 -24.48
N GLY A 52 60.01 -0.65 -23.40
CA GLY A 52 59.19 -0.71 -22.22
C GLY A 52 57.80 -0.13 -22.40
N GLU A 53 56.96 -0.37 -21.38
CA GLU A 53 55.56 0.04 -21.37
C GLU A 53 55.40 1.49 -20.93
N VAL A 54 54.38 2.15 -21.49
CA VAL A 54 53.92 3.44 -20.98
C VAL A 54 53.01 3.18 -19.78
N VAL A 55 53.28 3.85 -18.66
CA VAL A 55 52.51 3.68 -17.43
C VAL A 55 52.13 5.07 -16.94
N ALA A 56 51.20 5.09 -15.97
CA ALA A 56 50.83 6.31 -15.28
C ALA A 56 51.44 6.29 -13.89
N VAL A 57 52.01 7.41 -13.46
CA VAL A 57 52.74 7.49 -12.22
C VAL A 57 52.14 8.61 -11.39
N LYS A 58 51.59 8.28 -10.23
CA LYS A 58 51.06 9.28 -9.31
C LYS A 58 52.10 9.59 -8.24
N LYS A 59 52.22 10.87 -7.92
CA LYS A 59 53.14 11.35 -6.91
C LYS A 59 52.48 12.48 -6.12
N LEU A 60 52.98 12.72 -4.92
CA LEU A 60 52.56 13.88 -4.14
C LEU A 60 53.29 15.12 -4.63
N GLN A 61 52.61 16.26 -4.57
CA GLN A 61 53.26 17.50 -4.99
C GLN A 61 53.95 18.25 -3.86
N HIS A 62 53.50 18.04 -2.62
CA HIS A 62 54.04 18.69 -1.43
C HIS A 62 53.95 17.63 -0.33
N SER A 63 55.03 16.88 -0.13
CA SER A 63 54.99 15.59 0.58
C SER A 63 55.25 15.74 2.09
N THR A 64 54.24 16.29 2.78
CA THR A 64 54.17 16.32 4.23
C THR A 64 53.94 14.92 4.81
N GLU A 65 54.06 14.81 6.15
CA GLU A 65 53.87 13.51 6.78
C GLU A 65 52.43 13.00 6.68
N GLU A 66 51.46 13.88 6.91
CA GLU A 66 50.05 13.51 6.84
C GLU A 66 49.66 13.08 5.42
N HIS A 67 50.08 13.85 4.42
CA HIS A 67 49.79 13.49 3.04
C HIS A 67 50.44 12.18 2.65
N LEU A 68 51.63 11.88 3.21
CA LEU A 68 52.30 10.62 2.88
C LEU A 68 51.61 9.41 3.53
N ARG A 69 51.14 9.56 4.76
CA ARG A 69 50.36 8.49 5.39
C ARG A 69 49.04 8.27 4.64
N ASP A 70 48.38 9.36 4.24
CA ASP A 70 47.22 9.22 3.38
C ASP A 70 47.57 8.53 2.06
N PHE A 71 48.72 8.88 1.46
CA PHE A 71 49.08 8.29 0.17
C PHE A 71 49.34 6.80 0.30
N GLU A 72 49.98 6.38 1.39
CA GLU A 72 50.20 4.95 1.61
C GLU A 72 48.87 4.21 1.79
N ARG A 73 47.91 4.82 2.51
CA ARG A 73 46.59 4.20 2.63
C ARG A 73 45.89 4.11 1.27
N GLU A 74 46.02 5.16 0.46
CA GLU A 74 45.46 5.14 -0.89
C GLU A 74 46.04 4.01 -1.72
N ILE A 75 47.37 3.81 -1.62
CA ILE A 75 48.00 2.72 -2.36
C ILE A 75 47.48 1.37 -1.90
N GLU A 76 47.34 1.19 -0.57
CA GLU A 76 46.82 -0.09 -0.08
C GLU A 76 45.42 -0.35 -0.60
N ILE A 77 44.58 0.69 -0.61
CA ILE A 77 43.23 0.56 -1.14
C ILE A 77 43.26 0.13 -2.61
N LEU A 78 43.98 0.89 -3.45
CA LEU A 78 43.97 0.56 -4.87
C LEU A 78 44.49 -0.84 -5.10
N LYS A 79 45.58 -1.21 -4.43
CA LYS A 79 46.15 -2.55 -4.57
C LYS A 79 45.16 -3.63 -4.16
N SER A 80 44.23 -3.30 -3.25
CA SER A 80 43.24 -4.30 -2.84
C SER A 80 42.05 -4.40 -3.79
N LEU A 81 41.99 -3.60 -4.85
CA LEU A 81 40.86 -3.61 -5.77
C LEU A 81 41.24 -4.29 -7.09
N GLN A 82 40.44 -5.27 -7.51
CA GLN A 82 40.63 -5.94 -8.80
C GLN A 82 39.25 -6.03 -9.44
N HIS A 83 39.03 -5.22 -10.48
CA HIS A 83 37.73 -5.12 -11.11
C HIS A 83 37.90 -4.46 -12.46
N ASP A 84 37.10 -4.92 -13.43
CA ASP A 84 37.28 -4.46 -14.80
C ASP A 84 37.09 -2.95 -14.93
N ASN A 85 36.34 -2.34 -14.01
CA ASN A 85 36.05 -0.91 -14.09
C ASN A 85 36.75 -0.12 -12.99
N ILE A 86 37.91 -0.62 -12.54
CA ILE A 86 38.79 0.08 -11.61
C ILE A 86 40.18 0.04 -12.22
N VAL A 87 40.85 1.20 -12.25
CA VAL A 87 42.17 1.27 -12.87
C VAL A 87 43.15 0.34 -12.15
N LYS A 88 44.01 -0.30 -12.91
CA LYS A 88 44.86 -1.38 -12.40
C LYS A 88 46.10 -0.82 -11.70
N TYR A 89 46.31 -1.26 -10.47
CA TYR A 89 47.57 -1.05 -9.77
C TYR A 89 48.65 -1.91 -10.40
N LYS A 90 49.83 -1.33 -10.61
CA LYS A 90 50.99 -2.06 -11.10
C LYS A 90 52.12 -2.15 -10.09
N GLY A 91 52.33 -1.14 -9.25
CA GLY A 91 53.41 -1.21 -8.29
C GLY A 91 53.71 0.13 -7.67
N VAL A 92 54.87 0.16 -7.00
CA VAL A 92 55.36 1.31 -6.26
C VAL A 92 56.80 1.59 -6.67
N CYS A 93 57.24 2.82 -6.45
CA CYS A 93 58.59 3.26 -6.77
C CYS A 93 59.17 4.02 -5.58
N TYR A 94 60.43 3.74 -5.25
CA TYR A 94 61.07 4.37 -4.11
C TYR A 94 62.39 5.01 -4.53
N SER A 95 62.67 6.18 -3.98
CA SER A 95 63.96 6.84 -4.05
C SER A 95 64.73 6.63 -2.74
N ALA A 96 66.06 6.85 -2.81
CA ALA A 96 66.99 6.51 -1.73
C ALA A 96 66.43 6.87 -0.37
N GLY A 97 66.29 5.85 0.48
CA GLY A 97 65.38 5.88 1.63
C GLY A 97 64.02 5.42 1.14
N ARG A 98 62.96 6.14 1.53
CA ARG A 98 61.64 5.86 0.95
C ARG A 98 60.80 7.12 0.74
N ARG A 99 61.41 8.30 0.82
CA ARG A 99 60.81 9.56 0.41
C ARG A 99 60.52 9.54 -1.08
N ASN A 100 59.61 10.42 -1.52
CA ASN A 100 59.26 10.57 -2.93
C ASN A 100 58.50 9.35 -3.45
N LEU A 101 57.61 8.84 -2.60
CA LEU A 101 56.81 7.67 -2.91
C LEU A 101 55.98 7.90 -4.18
N LYS A 102 55.98 6.90 -5.07
CA LYS A 102 55.30 6.97 -6.36
C LYS A 102 54.48 5.71 -6.60
N LEU A 103 53.26 5.89 -7.10
CA LEU A 103 52.33 4.79 -7.36
C LEU A 103 52.25 4.56 -8.87
N ILE A 104 52.52 3.33 -9.29
CA ILE A 104 52.53 2.99 -10.71
C ILE A 104 51.23 2.31 -11.08
N MET A 105 50.56 2.82 -12.12
CA MET A 105 49.27 2.32 -12.57
C MET A 105 49.31 2.10 -14.07
N GLU A 106 48.36 1.32 -14.57
CA GLU A 106 48.18 1.19 -16.01
C GLU A 106 47.83 2.54 -16.62
N TYR A 107 48.34 2.80 -17.82
CA TYR A 107 48.03 4.02 -18.56
C TYR A 107 46.80 3.78 -19.44
N LEU A 108 45.78 4.63 -19.32
CA LEU A 108 44.59 4.52 -20.15
C LEU A 108 44.61 5.62 -21.19
N PRO A 109 44.53 5.29 -22.50
CA PRO A 109 44.95 6.24 -23.54
C PRO A 109 43.94 7.33 -23.90
N TYR A 110 42.69 7.22 -23.48
CA TYR A 110 41.70 8.20 -23.91
C TYR A 110 41.40 9.23 -22.82
N GLY A 111 42.18 9.24 -21.73
CA GLY A 111 42.05 10.30 -20.73
C GLY A 111 40.78 10.19 -19.90
N SER A 112 40.45 11.27 -19.22
CA SER A 112 39.28 11.27 -18.35
C SER A 112 37.99 11.32 -19.16
N LEU A 113 36.93 10.72 -18.60
CA LEU A 113 35.64 10.70 -19.28
C LEU A 113 35.08 12.10 -19.49
N ARG A 114 35.38 13.05 -18.59
CA ARG A 114 34.98 14.44 -18.83
C ARG A 114 35.55 14.96 -20.15
N ASP A 115 36.87 14.84 -20.33
CA ASP A 115 37.48 15.33 -21.57
C ASP A 115 37.05 14.50 -22.77
N TYR A 116 37.02 13.17 -22.62
CA TYR A 116 36.61 12.31 -23.72
C TYR A 116 35.21 12.70 -24.20
N LEU A 117 34.29 12.87 -23.27
CA LEU A 117 32.92 13.18 -23.62
C LEU A 117 32.82 14.55 -24.28
N GLN A 118 33.56 15.55 -23.76
CA GLN A 118 33.56 16.86 -24.40
C GLN A 118 34.11 16.80 -25.83
N LYS A 119 35.16 16.01 -26.04
CA LYS A 119 35.79 15.66 -27.33
C LYS A 119 34.88 15.04 -28.38
N HIS A 120 34.06 14.09 -28.02
CA HIS A 120 33.35 13.24 -28.98
C HIS A 120 31.86 13.39 -28.84
N LYS A 121 31.41 14.61 -28.46
CA LYS A 121 29.99 14.89 -28.19
C LYS A 121 29.11 14.23 -29.26
N GLU A 122 29.48 14.38 -30.54
CA GLU A 122 28.63 14.10 -31.69
C GLU A 122 28.53 12.62 -32.09
N ARG A 123 29.43 11.75 -31.63
CA ARG A 123 29.28 10.32 -31.86
C ARG A 123 29.04 9.47 -30.62
N ILE A 124 28.72 10.06 -29.47
CA ILE A 124 28.40 9.30 -28.26
C ILE A 124 26.91 9.49 -28.00
N ASP A 125 26.13 8.44 -28.27
CA ASP A 125 24.69 8.53 -28.11
C ASP A 125 24.28 8.05 -26.72
N HIS A 126 22.97 8.06 -26.47
CA HIS A 126 22.46 7.80 -25.12
C HIS A 126 22.77 6.37 -24.67
N ILE A 127 22.74 5.42 -25.60
CA ILE A 127 23.03 4.04 -25.26
C ILE A 127 24.48 3.91 -24.80
N LYS A 128 25.37 4.69 -25.42
CA LYS A 128 26.77 4.71 -25.02
C LYS A 128 26.93 5.32 -23.61
N LEU A 129 26.20 6.39 -23.33
CA LEU A 129 26.19 6.96 -22.00
C LEU A 129 25.71 5.93 -20.96
N LEU A 130 24.70 5.14 -21.30
CA LEU A 130 24.16 4.19 -20.33
C LEU A 130 25.10 3.00 -20.14
N GLN A 131 25.87 2.65 -21.19
CA GLN A 131 26.96 1.68 -21.03
C GLN A 131 27.98 2.17 -20.00
N TYR A 132 28.44 3.42 -20.15
CA TYR A 132 29.39 3.95 -19.17
C TYR A 132 28.79 3.97 -17.77
N THR A 133 27.53 4.40 -17.67
CA THR A 133 26.81 4.46 -16.39
C THR A 133 26.79 3.11 -15.69
N SER A 134 26.40 2.07 -16.44
CA SER A 134 26.37 0.72 -15.87
C SER A 134 27.75 0.30 -15.37
N GLN A 135 28.81 0.59 -16.14
CA GLN A 135 30.15 0.21 -15.69
C GLN A 135 30.55 0.95 -14.41
N ILE A 136 30.21 2.25 -14.32
CA ILE A 136 30.53 3.00 -13.12
C ILE A 136 29.80 2.41 -11.92
N CYS A 137 28.53 2.00 -12.09
CA CYS A 137 27.81 1.45 -10.95
C CYS A 137 28.39 0.12 -10.52
N LYS A 138 28.89 -0.68 -11.46
CA LYS A 138 29.48 -1.96 -11.04
C LYS A 138 30.80 -1.74 -10.31
N GLY A 139 31.60 -0.76 -10.78
CA GLY A 139 32.80 -0.40 -10.03
C GLY A 139 32.47 0.06 -8.62
N MET A 140 31.43 0.89 -8.48
CA MET A 140 31.05 1.44 -7.18
C MET A 140 30.46 0.36 -6.27
N GLU A 141 29.68 -0.57 -6.83
CA GLU A 141 29.16 -1.65 -6.00
C GLU A 141 30.28 -2.51 -5.47
N TYR A 142 31.30 -2.74 -6.28
CA TYR A 142 32.46 -3.46 -5.79
C TYR A 142 33.13 -2.69 -4.64
N LEU A 143 33.30 -1.38 -4.80
CA LEU A 143 33.81 -0.57 -3.69
C LEU A 143 33.01 -0.80 -2.40
N GLY A 144 31.68 -0.73 -2.52
CA GLY A 144 30.82 -0.92 -1.35
C GLY A 144 30.97 -2.29 -0.71
N THR A 145 31.14 -3.34 -1.52
CA THR A 145 31.39 -4.65 -0.92
C THR A 145 32.67 -4.66 -0.11
N LYS A 146 33.61 -3.79 -0.45
CA LYS A 146 34.80 -3.70 0.41
C LYS A 146 34.63 -2.70 1.55
N ARG A 147 33.45 -2.08 1.70
CA ARG A 147 33.25 -1.00 2.69
C ARG A 147 34.19 0.19 2.44
N TYR A 148 34.46 0.48 1.17
CA TYR A 148 35.17 1.70 0.77
C TYR A 148 34.17 2.80 0.37
N ILE A 149 34.42 4.03 0.81
CA ILE A 149 33.64 5.19 0.38
C ILE A 149 34.52 6.07 -0.49
N HIS A 150 34.09 6.30 -1.73
CA HIS A 150 34.96 6.96 -2.71
C HIS A 150 35.13 8.45 -2.42
N ARG A 151 34.01 9.14 -2.16
CA ARG A 151 33.96 10.55 -1.76
C ARG A 151 34.28 11.54 -2.88
N ASP A 152 34.76 11.07 -4.03
CA ASP A 152 35.12 12.02 -5.10
C ASP A 152 34.61 11.52 -6.44
N LEU A 153 33.37 11.01 -6.46
CA LEU A 153 32.77 10.52 -7.71
C LEU A 153 32.39 11.71 -8.59
N ALA A 154 32.96 11.76 -9.80
CA ALA A 154 32.80 12.82 -10.78
C ALA A 154 33.39 12.34 -12.12
N THR A 155 32.89 12.87 -13.25
CA THR A 155 33.41 12.37 -14.54
C THR A 155 34.90 12.67 -14.72
N ARG A 156 35.43 13.71 -14.09
CA ARG A 156 36.86 13.95 -14.14
C ARG A 156 37.66 12.86 -13.45
N ASN A 157 37.03 12.01 -12.63
CA ASN A 157 37.75 10.93 -11.96
C ASN A 157 37.41 9.58 -12.55
N ILE A 158 36.75 9.54 -13.70
CA ILE A 158 36.52 8.33 -14.48
C ILE A 158 37.42 8.41 -15.71
N LEU A 159 38.09 7.31 -16.03
CA LEU A 159 39.00 7.23 -17.15
C LEU A 159 38.44 6.28 -18.22
N VAL A 160 38.84 6.53 -19.47
CA VAL A 160 38.37 5.78 -20.63
C VAL A 160 39.50 4.89 -21.11
N GLU A 161 39.30 3.56 -21.03
CA GLU A 161 40.32 2.66 -21.56
C GLU A 161 40.16 2.49 -23.07
N ASN A 162 38.93 2.39 -23.55
CA ASN A 162 38.58 2.39 -24.95
C ASN A 162 37.13 2.84 -25.07
N GLU A 163 36.63 2.87 -26.31
CA GLU A 163 35.28 3.37 -26.56
C GLU A 163 34.20 2.58 -25.83
N ASN A 164 34.53 1.37 -25.37
CA ASN A 164 33.57 0.49 -24.73
C ASN A 164 33.85 0.20 -23.25
N ARG A 165 34.86 0.82 -22.65
CA ARG A 165 35.21 0.53 -21.26
C ARG A 165 35.72 1.79 -20.56
N VAL A 166 35.13 2.07 -19.39
CA VAL A 166 35.62 3.11 -18.49
C VAL A 166 35.95 2.47 -17.15
N LYS A 167 36.77 3.17 -16.36
CA LYS A 167 37.26 2.71 -15.07
C LYS A 167 37.31 3.87 -14.10
N ILE A 168 36.95 3.60 -12.84
CA ILE A 168 37.16 4.59 -11.79
C ILE A 168 38.66 4.78 -11.61
N GLY A 169 39.11 6.04 -11.69
CA GLY A 169 40.51 6.30 -11.97
C GLY A 169 41.34 6.94 -10.89
N ASP A 170 40.72 7.44 -9.82
CA ASP A 170 41.48 8.07 -8.74
C ASP A 170 40.84 7.78 -7.39
N PHE A 171 41.66 7.52 -6.37
CA PHE A 171 41.15 7.13 -5.06
C PHE A 171 41.74 7.97 -3.92
N GLY A 172 42.13 9.22 -4.22
CA GLY A 172 42.83 10.03 -3.23
C GLY A 172 42.02 10.37 -1.98
N LEU A 173 40.69 10.41 -2.09
CA LEU A 173 39.82 10.75 -0.97
C LEU A 173 39.08 9.55 -0.40
N THR A 174 39.38 8.35 -0.89
CA THR A 174 38.60 7.18 -0.52
C THR A 174 38.96 6.75 0.90
N LYS A 175 37.93 6.42 1.69
CA LYS A 175 38.09 5.99 3.07
C LYS A 175 37.40 4.65 3.29
N VAL A 176 37.93 3.90 4.28
CA VAL A 176 37.30 2.66 4.73
C VAL A 176 36.36 2.99 5.88
N LEU A 177 35.16 2.41 5.84
CA LEU A 177 34.22 2.61 6.92
C LEU A 177 34.74 1.95 8.20
N PRO A 178 34.46 2.52 9.37
CA PRO A 178 34.64 1.73 10.60
C PRO A 178 33.63 0.59 10.55
N GLN A 179 33.98 -0.54 11.17
CA GLN A 179 33.00 -1.64 11.25
C GLN A 179 31.75 -1.23 12.02
N ASP A 180 31.88 -0.50 13.11
CA ASP A 180 30.71 -0.24 13.94
C ASP A 180 29.79 0.82 13.35
N LYS A 181 30.15 1.42 12.20
CA LYS A 181 29.39 2.54 11.65
C LYS A 181 29.22 2.36 10.15
N GLU A 182 28.19 3.01 9.63
CA GLU A 182 27.89 2.97 8.20
C GLU A 182 28.27 4.30 7.52
N PTR A 183 28.82 5.24 8.28
CA PTR A 183 29.34 6.47 7.69
C PTR A 183 30.76 6.71 8.20
O PTR A 183 31.24 5.99 9.07
CB PTR A 183 28.48 7.69 8.02
CG PTR A 183 28.32 7.91 9.50
CD1 PTR A 183 29.30 8.58 10.25
CD2 PTR A 183 27.20 7.44 10.15
CE1 PTR A 183 29.14 8.76 11.61
CE2 PTR A 183 27.04 7.63 11.51
CZ PTR A 183 28.00 8.29 12.23
OH PTR A 183 27.77 8.39 13.51
P PTR A 183 27.34 9.70 14.33
O1P PTR A 183 25.86 9.66 14.43
O2P PTR A 183 27.86 11.02 13.73
O3P PTR A 183 27.94 9.52 15.73
N TYR A 184 31.39 7.73 7.64
CA TYR A 184 32.73 8.17 8.03
C TYR A 184 32.67 9.69 8.07
N LYS A 185 33.01 10.27 9.22
CA LYS A 185 32.98 11.71 9.40
C LYS A 185 34.38 12.26 9.18
N VAL A 186 34.50 13.16 8.21
CA VAL A 186 35.81 13.68 7.85
C VAL A 186 35.65 15.05 7.21
N LYS A 187 36.46 16.01 7.65
CA LYS A 187 36.50 17.30 7.00
C LYS A 187 37.94 17.66 6.66
N GLU A 188 38.17 18.01 5.38
CA GLU A 188 39.56 18.30 5.10
C GLU A 188 39.76 19.79 4.83
N PRO A 189 40.97 20.29 5.04
CA PRO A 189 41.23 21.71 4.81
C PRO A 189 41.40 21.95 3.32
N GLY A 190 40.87 23.07 2.84
CA GLY A 190 40.97 23.35 1.42
C GLY A 190 39.64 23.19 0.70
N GLU A 191 39.75 23.07 -0.61
CA GLU A 191 38.62 22.82 -1.50
C GLU A 191 38.09 21.40 -1.53
N SER A 192 36.75 21.32 -1.49
CA SER A 192 35.88 20.17 -1.48
C SER A 192 34.94 20.30 -2.68
N PRO A 193 34.70 19.23 -3.44
CA PRO A 193 33.78 19.37 -4.58
C PRO A 193 32.33 19.50 -4.13
N ILE A 194 32.01 20.63 -3.49
CA ILE A 194 30.75 20.80 -2.77
C ILE A 194 29.55 20.67 -3.68
N PHE A 195 29.70 20.90 -4.98
CA PHE A 195 28.55 20.78 -5.87
C PHE A 195 28.27 19.34 -6.28
N TRP A 196 29.11 18.38 -5.84
CA TRP A 196 28.81 16.96 -5.96
C TRP A 196 28.45 16.32 -4.63
N TYR A 197 28.47 17.09 -3.52
CA TYR A 197 28.31 16.57 -2.17
C TYR A 197 26.84 16.41 -1.79
N ALA A 198 26.51 15.29 -1.15
CA ALA A 198 25.20 15.15 -0.56
C ALA A 198 25.03 16.15 0.59
N PRO A 199 23.79 16.52 0.90
CA PRO A 199 23.56 17.50 1.97
C PRO A 199 24.17 17.13 3.31
N GLU A 200 24.04 15.87 3.74
CA GLU A 200 24.60 15.49 5.04
C GLU A 200 26.13 15.56 5.03
N SER A 201 26.75 15.50 3.85
CA SER A 201 28.19 15.73 3.76
C SER A 201 28.52 17.22 3.91
N LEU A 202 27.63 18.09 3.42
CA LEU A 202 27.83 19.53 3.60
C LEU A 202 27.57 19.96 5.05
N THR A 203 26.56 19.40 5.71
CA THR A 203 26.17 19.87 7.04
C THR A 203 26.95 19.18 8.16
N GLU A 204 27.20 17.87 8.04
CA GLU A 204 27.82 17.09 9.11
C GLU A 204 29.09 16.38 8.70
N SER A 205 29.58 16.58 7.47
CA SER A 205 30.78 15.88 6.95
C SER A 205 30.64 14.36 7.04
N LYS A 206 29.43 13.86 6.82
CA LYS A 206 29.17 12.43 6.88
C LYS A 206 29.23 11.86 5.47
N PHE A 207 30.06 10.83 5.28
CA PHE A 207 30.23 10.20 3.98
C PHE A 207 29.92 8.70 4.10
N SER A 208 29.20 8.18 3.12
CA SER A 208 28.65 6.83 3.19
C SER A 208 28.40 6.33 1.77
N VAL A 209 27.99 5.06 1.63
CA VAL A 209 27.58 4.58 0.32
C VAL A 209 26.45 5.44 -0.24
N ALA A 210 25.57 5.93 0.63
CA ALA A 210 24.45 6.75 0.18
C ALA A 210 24.92 8.12 -0.32
N SER A 211 25.99 8.69 0.25
CA SER A 211 26.50 9.95 -0.31
C SER A 211 27.20 9.71 -1.66
N ASP A 212 27.87 8.56 -1.82
CA ASP A 212 28.40 8.16 -3.11
C ASP A 212 27.27 8.02 -4.15
N VAL A 213 26.09 7.56 -3.72
CA VAL A 213 24.95 7.43 -4.62
C VAL A 213 24.44 8.80 -5.06
N TRP A 214 24.35 9.75 -4.11
CA TRP A 214 24.06 11.14 -4.45
C TRP A 214 25.02 11.66 -5.52
N SER A 215 26.33 11.47 -5.28
CA SER A 215 27.33 11.95 -6.22
C SER A 215 27.21 11.26 -7.57
N PHE A 216 26.87 9.98 -7.57
CA PHE A 216 26.66 9.27 -8.83
C PHE A 216 25.51 9.90 -9.61
N GLY A 217 24.45 10.32 -8.92
CA GLY A 217 23.42 11.06 -9.60
C GLY A 217 23.97 12.31 -10.29
N VAL A 218 24.85 13.04 -9.59
CA VAL A 218 25.51 14.18 -10.22
C VAL A 218 26.34 13.74 -11.43
N VAL A 219 27.01 12.58 -11.33
CA VAL A 219 27.79 12.08 -12.46
C VAL A 219 26.91 11.82 -13.67
N LEU A 220 25.74 11.24 -13.41
CA LEU A 220 24.77 10.95 -14.46
C LEU A 220 24.30 12.24 -15.14
N TYR A 221 23.97 13.25 -14.32
CA TYR A 221 23.70 14.59 -14.85
C TYR A 221 24.85 15.06 -15.76
N GLU A 222 26.09 14.97 -15.28
CA GLU A 222 27.24 15.37 -16.08
C GLU A 222 27.22 14.69 -17.44
N LEU A 223 27.13 13.36 -17.42
CA LEU A 223 27.15 12.59 -18.66
C LEU A 223 26.10 13.09 -19.65
N PHE A 224 24.87 13.31 -19.16
CA PHE A 224 23.83 13.68 -20.12
C PHE A 224 23.85 15.16 -20.51
N THR A 225 24.60 16.01 -19.80
CA THR A 225 24.89 17.35 -20.34
C THR A 225 25.98 17.35 -21.40
N TYR A 226 26.68 16.23 -21.58
CA TYR A 226 27.86 16.16 -22.46
C TYR A 226 28.91 17.20 -22.11
N ILE A 227 28.95 17.59 -20.83
CA ILE A 227 29.92 18.52 -20.26
C ILE A 227 29.83 19.87 -20.96
N GLU A 228 28.61 20.36 -21.19
CA GLU A 228 28.49 21.71 -21.74
C GLU A 228 28.85 22.70 -20.65
N LYS A 229 29.60 23.74 -21.04
CA LYS A 229 30.29 24.55 -20.04
C LYS A 229 29.30 25.25 -19.11
N SER A 230 28.27 25.87 -19.69
CA SER A 230 27.27 26.59 -18.90
C SER A 230 26.32 25.66 -18.15
N LYS A 231 26.42 24.34 -18.37
CA LYS A 231 25.50 23.39 -17.76
C LYS A 231 26.16 22.59 -16.65
N SER A 232 27.41 22.90 -16.31
CA SER A 232 28.10 22.18 -15.26
C SER A 232 27.36 22.35 -13.94
N PRO A 233 27.45 21.36 -13.05
CA PRO A 233 26.82 21.48 -11.73
C PRO A 233 27.22 22.77 -11.03
N PRO A 234 28.51 23.17 -11.03
CA PRO A 234 28.84 24.47 -10.39
C PRO A 234 28.16 25.67 -11.03
N ALA A 235 28.12 25.74 -12.38
CA ALA A 235 27.44 26.87 -13.04
C ALA A 235 25.96 26.91 -12.71
N GLU A 236 25.29 25.76 -12.81
CA GLU A 236 23.85 25.71 -12.52
C GLU A 236 23.56 26.09 -11.07
N PHE A 237 24.31 25.52 -10.12
CA PHE A 237 24.07 25.84 -8.72
C PHE A 237 24.39 27.30 -8.41
N MET A 238 25.49 27.81 -8.97
CA MET A 238 25.83 29.21 -8.74
C MET A 238 24.78 30.15 -9.33
N ARG A 239 24.17 29.78 -10.46
CA ARG A 239 23.06 30.59 -10.94
C ARG A 239 21.82 30.46 -10.05
N MET A 240 21.60 29.28 -9.47
CA MET A 240 20.38 29.09 -8.70
C MET A 240 20.45 29.81 -7.36
N ILE A 241 21.65 29.89 -6.78
CA ILE A 241 21.82 30.71 -5.57
C ILE A 241 22.32 32.11 -5.89
N GLY A 242 22.69 32.38 -7.15
CA GLY A 242 23.21 33.69 -7.49
C GLY A 242 24.72 33.81 -7.46
N ASN A 243 25.34 34.27 -8.57
CA ASN A 243 26.79 34.43 -8.67
C ASN A 243 27.28 35.57 -7.80
N ASP A 244 26.30 36.25 -7.20
CA ASP A 244 26.51 37.22 -6.14
C ASP A 244 27.08 36.59 -4.87
N LYS A 245 26.89 35.29 -4.65
CA LYS A 245 27.40 34.68 -3.42
C LYS A 245 28.93 34.65 -3.46
N GLN A 246 29.50 34.42 -2.27
CA GLN A 246 30.88 34.80 -2.01
C GLN A 246 31.50 33.91 -0.95
N GLY A 247 32.42 33.06 -1.41
CA GLY A 247 33.18 32.20 -0.52
C GLY A 247 32.25 31.31 0.24
N GLN A 248 32.41 31.29 1.55
CA GLN A 248 31.65 30.33 2.32
C GLN A 248 30.18 30.67 2.47
N MET A 249 29.79 31.95 2.36
CA MET A 249 28.36 32.20 2.25
C MET A 249 27.76 31.30 1.17
N ILE A 250 28.53 31.04 0.11
CA ILE A 250 28.12 30.16 -0.98
C ILE A 250 27.60 28.83 -0.45
N VAL A 251 28.43 28.11 0.31
CA VAL A 251 28.01 26.76 0.72
C VAL A 251 26.74 26.85 1.56
N PHE A 252 26.64 27.90 2.38
CA PHE A 252 25.48 28.05 3.24
C PHE A 252 24.23 28.07 2.38
N HIS A 253 24.24 28.87 1.31
CA HIS A 253 23.09 28.95 0.43
C HIS A 253 22.85 27.62 -0.27
N LEU A 254 23.93 26.93 -0.68
CA LEU A 254 23.75 25.61 -1.26
C LEU A 254 22.95 24.73 -0.30
N ILE A 255 23.33 24.75 0.99
CA ILE A 255 22.65 23.90 1.96
C ILE A 255 21.15 24.19 1.92
N GLU A 256 20.78 25.48 1.97
CA GLU A 256 19.36 25.79 2.07
C GLU A 256 18.64 25.43 0.78
N LEU A 257 19.30 25.62 -0.37
CA LEU A 257 18.68 25.24 -1.62
C LEU A 257 18.41 23.73 -1.64
N LEU A 258 19.38 22.95 -1.16
CA LEU A 258 19.17 21.51 -1.20
C LEU A 258 18.10 21.09 -0.18
N LYS A 259 17.92 21.87 0.89
CA LYS A 259 16.95 21.49 1.91
C LYS A 259 15.53 21.77 1.46
N ASN A 260 15.35 22.75 0.56
CA ASN A 260 14.06 23.04 -0.05
C ASN A 260 13.88 22.37 -1.42
N ASN A 261 14.61 21.28 -1.68
CA ASN A 261 14.49 20.47 -2.90
C ASN A 261 14.83 21.25 -4.17
N GLY A 262 15.67 22.27 -4.09
CA GLY A 262 16.27 22.81 -5.30
C GLY A 262 17.23 21.78 -5.88
N ARG A 263 17.14 21.56 -7.20
CA ARG A 263 17.91 20.52 -7.85
C ARG A 263 18.38 20.98 -9.22
N LEU A 264 19.43 20.33 -9.70
CA LEU A 264 19.89 20.54 -11.06
C LEU A 264 18.79 20.17 -12.04
N PRO A 265 18.64 20.90 -13.15
CA PRO A 265 17.55 20.63 -14.09
C PRO A 265 17.82 19.39 -14.92
N ARG A 266 16.77 18.88 -15.57
CA ARG A 266 16.97 17.81 -16.52
C ARG A 266 17.78 18.33 -17.71
N PRO A 267 18.89 17.69 -18.07
CA PRO A 267 19.68 18.16 -19.22
C PRO A 267 18.92 17.99 -20.53
N ASP A 268 19.30 18.82 -21.51
CA ASP A 268 18.69 18.80 -22.85
C ASP A 268 18.76 17.43 -23.48
N GLY A 269 17.62 16.94 -23.95
CA GLY A 269 17.51 15.63 -24.56
C GLY A 269 17.50 14.45 -23.61
N CYS A 270 17.60 14.70 -22.31
CA CYS A 270 17.60 13.61 -21.33
C CYS A 270 16.18 13.03 -21.23
N PRO A 271 16.00 11.73 -21.44
CA PRO A 271 14.66 11.15 -21.24
C PRO A 271 14.19 11.32 -19.81
N ASP A 272 12.86 11.26 -19.63
CA ASP A 272 12.33 11.53 -18.31
C ASP A 272 12.70 10.43 -17.30
N GLU A 273 12.84 9.17 -17.74
CA GLU A 273 13.19 8.10 -16.81
C GLU A 273 14.64 8.17 -16.33
N ILE A 274 15.57 8.69 -17.15
CA ILE A 274 16.95 8.89 -16.69
C ILE A 274 17.01 10.01 -15.67
N TYR A 275 16.27 11.10 -15.93
CA TYR A 275 16.17 12.14 -14.92
C TYR A 275 15.50 11.63 -13.64
N MET A 276 14.59 10.65 -13.76
CA MET A 276 13.94 10.11 -12.57
C MET A 276 14.95 9.38 -11.71
N ILE A 277 15.86 8.65 -12.36
CA ILE A 277 16.99 8.03 -11.65
C ILE A 277 17.83 9.10 -10.94
N MET A 278 18.12 10.21 -11.64
CA MET A 278 18.93 11.26 -11.02
C MET A 278 18.27 11.81 -9.77
N THR A 279 16.97 12.14 -9.86
CA THR A 279 16.29 12.73 -8.73
C THR A 279 16.11 11.71 -7.60
N GLU A 280 16.06 10.42 -7.93
CA GLU A 280 15.98 9.41 -6.87
C GLU A 280 17.30 9.30 -6.13
N CYS A 281 18.43 9.49 -6.83
CA CYS A 281 19.71 9.51 -6.12
C CYS A 281 19.86 10.79 -5.29
N TRP A 282 19.17 11.86 -5.65
CA TRP A 282 19.26 13.12 -4.92
C TRP A 282 18.18 13.24 -3.84
N ASN A 283 17.90 12.16 -3.12
CA ASN A 283 16.93 12.23 -2.04
C ASN A 283 17.55 12.83 -0.79
N ASN A 284 16.89 13.84 -0.22
CA ASN A 284 17.34 14.33 1.08
C ASN A 284 17.39 13.21 2.14
N ASN A 285 16.48 12.24 2.06
CA ASN A 285 16.46 11.16 3.07
C ASN A 285 17.53 10.15 2.69
N VAL A 286 18.57 10.06 3.53
CA VAL A 286 19.76 9.30 3.17
C VAL A 286 19.43 7.85 2.95
N ASN A 287 18.43 7.33 3.67
CA ASN A 287 18.04 5.93 3.61
C ASN A 287 17.16 5.62 2.41
N GLN A 288 16.63 6.62 1.73
CA GLN A 288 15.74 6.38 0.60
C GLN A 288 16.46 6.47 -0.76
N ARG A 289 17.77 6.56 -0.78
CA ARG A 289 18.47 6.58 -2.07
C ARG A 289 18.66 5.13 -2.53
N PRO A 290 18.54 4.87 -3.83
CA PRO A 290 18.68 3.49 -4.30
C PRO A 290 20.09 2.94 -4.06
N SER A 291 20.18 1.62 -4.05
CA SER A 291 21.45 0.95 -4.01
C SER A 291 22.11 0.97 -5.40
N PHE A 292 23.41 0.70 -5.43
CA PHE A 292 24.13 0.62 -6.70
C PHE A 292 23.72 -0.60 -7.51
N ARG A 293 23.38 -1.72 -6.85
CA ARG A 293 22.84 -2.87 -7.57
C ARG A 293 21.52 -2.52 -8.27
N ASP A 294 20.62 -1.83 -7.56
CA ASP A 294 19.37 -1.42 -8.19
C ASP A 294 19.60 -0.41 -9.30
N LEU A 295 20.54 0.52 -9.12
CA LEU A 295 20.84 1.50 -10.17
C LEU A 295 21.31 0.78 -11.43
N ALA A 296 22.23 -0.17 -11.28
CA ALA A 296 22.71 -0.96 -12.40
C ALA A 296 21.56 -1.74 -13.06
N LEU A 297 20.65 -2.32 -12.25
CA LEU A 297 19.52 -3.07 -12.80
C LEU A 297 18.61 -2.19 -13.65
N ARG A 298 18.25 -1.01 -13.13
CA ARG A 298 17.36 -0.13 -13.88
C ARG A 298 18.02 0.38 -15.15
N VAL A 299 19.32 0.76 -15.06
CA VAL A 299 20.03 1.26 -16.22
C VAL A 299 20.15 0.17 -17.26
N ASP A 300 20.40 -1.07 -16.83
CA ASP A 300 20.49 -2.18 -17.76
C ASP A 300 19.13 -2.47 -18.39
N GLN A 301 18.02 -2.29 -17.67
CA GLN A 301 16.71 -2.52 -18.30
C GLN A 301 16.41 -1.43 -19.34
N ILE A 302 16.75 -0.18 -19.04
CA ILE A 302 16.59 0.90 -20.01
C ILE A 302 17.47 0.64 -21.24
N ARG A 303 18.71 0.18 -21.03
CA ARG A 303 19.59 -0.16 -22.14
C ARG A 303 19.00 -1.25 -23.02
N ASP A 304 18.43 -2.30 -22.40
CA ASP A 304 17.82 -3.38 -23.17
C ASP A 304 16.62 -2.89 -23.95
N ASN A 305 15.81 -2.01 -23.35
CA ASN A 305 14.67 -1.44 -24.06
C ASN A 305 15.12 -0.63 -25.27
N MET A 306 16.20 0.14 -25.13
CA MET A 306 16.61 0.97 -26.26
C MET A 306 17.16 0.13 -27.41
N ALA A 307 17.74 -1.03 -27.12
CA ALA A 307 18.32 -1.90 -28.14
C ALA A 307 17.29 -2.86 -28.72
N LEU B 11 -19.55 8.08 9.63
CA LEU B 11 -19.44 7.01 10.64
C LEU B 11 -18.33 6.00 10.31
N TYR B 12 -18.28 5.50 9.07
CA TYR B 12 -17.39 4.41 8.70
C TYR B 12 -16.22 4.94 7.84
N PHE B 13 -15.00 4.67 8.30
CA PHE B 13 -13.77 5.00 7.60
C PHE B 13 -13.20 3.74 6.93
N GLN B 14 -12.31 3.93 5.95
CA GLN B 14 -11.86 2.79 5.16
C GLN B 14 -10.37 2.80 4.81
N GLY B 15 -9.54 3.39 5.66
CA GLY B 15 -8.26 3.92 5.19
C GLY B 15 -7.19 2.88 4.89
N ASP B 16 -6.83 2.07 5.88
CA ASP B 16 -5.47 1.55 6.04
C ASP B 16 -5.34 0.02 6.00
N PRO B 17 -5.59 -0.60 4.88
CA PRO B 17 -5.46 -2.09 4.80
C PRO B 17 -4.03 -2.64 4.92
N THR B 18 -3.55 -2.75 6.18
CA THR B 18 -2.17 -3.09 6.55
C THR B 18 -1.13 -2.11 5.96
N GLN B 19 -1.57 -0.94 5.47
CA GLN B 19 -0.76 -0.03 4.67
C GLN B 19 -0.20 1.10 5.53
N PHE B 20 1.10 1.07 5.74
CA PHE B 20 1.86 2.19 6.30
C PHE B 20 2.31 3.10 5.17
N GLU B 21 2.46 4.38 5.46
CA GLU B 21 2.84 5.29 4.39
C GLU B 21 4.19 5.94 4.62
N GLU B 22 4.98 5.97 3.54
CA GLU B 22 6.42 6.20 3.65
C GLU B 22 6.72 7.62 4.09
N ARG B 23 5.81 8.52 3.74
CA ARG B 23 5.88 9.90 4.13
C ARG B 23 5.75 10.10 5.66
N HIS B 24 5.26 9.09 6.41
CA HIS B 24 5.35 9.07 7.88
C HIS B 24 6.52 8.28 8.46
N LEU B 25 7.22 7.50 7.66
CA LEU B 25 8.32 6.72 8.18
C LEU B 25 9.52 7.63 8.36
N LYS B 26 9.90 7.89 9.61
CA LYS B 26 11.03 8.76 9.92
C LYS B 26 12.19 7.83 10.24
N PHE B 27 13.18 7.81 9.36
CA PHE B 27 14.33 6.95 9.54
C PHE B 27 15.11 7.37 10.79
N LEU B 28 15.46 6.40 11.63
CA LEU B 28 16.26 6.65 12.83
C LEU B 28 17.65 6.05 12.73
N GLN B 29 17.77 4.79 12.32
CA GLN B 29 19.10 4.22 12.12
C GLN B 29 18.96 2.87 11.44
N GLN B 30 20.10 2.32 10.99
CA GLN B 30 20.14 0.98 10.45
C GLN B 30 20.27 -0.04 11.57
N LEU B 31 19.51 -1.13 11.46
CA LEU B 31 19.55 -2.21 12.46
C LEU B 31 20.32 -3.43 11.99
N GLY B 32 20.31 -3.73 10.70
CA GLY B 32 20.98 -4.92 10.22
C GLY B 32 21.02 -4.92 8.72
N LYS B 33 22.01 -5.64 8.19
CA LYS B 33 22.22 -5.76 6.76
C LYS B 33 22.43 -7.23 6.40
N GLY B 34 21.61 -7.75 5.49
CA GLY B 34 21.86 -9.05 4.91
C GLY B 34 22.60 -8.91 3.60
N ASN B 35 22.47 -9.93 2.74
CA ASN B 35 23.19 -9.85 1.47
C ASN B 35 22.39 -9.14 0.39
N PHE B 36 21.06 -9.20 0.46
CA PHE B 36 20.22 -8.55 -0.55
C PHE B 36 19.11 -7.75 0.12
N GLY B 37 19.12 -7.62 1.44
CA GLY B 37 18.11 -6.86 2.18
C GLY B 37 18.71 -6.23 3.41
N SER B 38 17.96 -5.30 3.99
CA SER B 38 18.39 -4.67 5.23
C SER B 38 17.18 -4.21 6.04
N VAL B 39 17.41 -3.97 7.32
CA VAL B 39 16.37 -3.54 8.25
C VAL B 39 16.78 -2.23 8.91
N GLU B 40 15.86 -1.29 8.92
CA GLU B 40 16.07 0.03 9.50
C GLU B 40 15.08 0.27 10.64
N MET B 41 15.55 0.89 11.71
CA MET B 41 14.70 1.42 12.76
C MET B 41 14.13 2.76 12.33
N CYS B 42 12.79 2.86 12.32
CA CYS B 42 12.07 4.07 11.96
C CYS B 42 10.98 4.35 12.98
N ARG B 43 10.51 5.59 13.00
CA ARG B 43 9.33 5.98 13.75
C ARG B 43 8.22 6.32 12.77
N TYR B 44 7.09 5.64 12.91
CA TYR B 44 5.86 6.01 12.21
C TYR B 44 5.25 7.13 13.03
N ASP B 45 5.37 8.35 12.52
CA ASP B 45 5.05 9.57 13.27
C ASP B 45 4.19 10.51 12.42
N PRO B 46 2.94 10.13 12.15
CA PRO B 46 2.07 11.02 11.35
C PRO B 46 1.78 12.35 12.05
N LEU B 47 1.67 12.38 13.38
CA LEU B 47 1.45 13.65 14.06
C LEU B 47 2.71 14.48 14.15
N GLN B 48 3.86 13.92 13.75
CA GLN B 48 5.13 14.64 13.68
C GLN B 48 5.53 15.24 15.02
N ASP B 49 5.09 14.62 16.12
CA ASP B 49 5.43 15.04 17.47
C ASP B 49 6.20 13.98 18.26
N ASN B 50 6.77 12.99 17.56
CA ASN B 50 7.57 11.92 18.16
C ASN B 50 6.78 11.10 19.16
N THR B 51 5.46 11.05 18.99
CA THR B 51 4.59 10.16 19.76
C THR B 51 4.35 8.86 19.00
N GLY B 52 4.72 8.83 17.73
CA GLY B 52 4.48 7.70 16.87
C GLY B 52 5.26 6.47 17.28
N GLU B 53 4.94 5.37 16.60
CA GLU B 53 5.50 4.08 16.93
C GLU B 53 6.94 3.91 16.45
N VAL B 54 7.78 3.27 17.23
CA VAL B 54 9.04 2.79 16.67
C VAL B 54 8.81 1.42 16.08
N VAL B 55 9.17 1.25 14.81
CA VAL B 55 9.03 0.00 14.07
C VAL B 55 10.35 -0.34 13.39
N ALA B 56 10.43 -1.59 12.95
CA ALA B 56 11.52 -2.08 12.11
C ALA B 56 10.99 -2.23 10.69
N VAL B 57 11.79 -1.81 9.70
CA VAL B 57 11.39 -1.77 8.30
C VAL B 57 12.42 -2.54 7.51
N LYS B 58 11.99 -3.62 6.87
CA LYS B 58 12.87 -4.40 6.00
C LYS B 58 12.65 -3.99 4.55
N LYS B 59 13.74 -3.90 3.80
CA LYS B 59 13.65 -3.58 2.37
C LYS B 59 14.72 -4.35 1.61
N LEU B 60 14.48 -4.51 0.31
CA LEU B 60 15.46 -5.11 -0.59
C LEU B 60 16.52 -4.12 -1.05
N GLN B 61 17.75 -4.61 -1.22
CA GLN B 61 18.84 -3.87 -1.84
C GLN B 61 19.07 -4.24 -3.30
N HIS B 62 18.56 -5.38 -3.75
CA HIS B 62 18.84 -5.94 -5.07
C HIS B 62 17.51 -6.47 -5.59
N SER B 63 16.77 -5.60 -6.27
CA SER B 63 15.36 -5.87 -6.56
C SER B 63 15.19 -6.50 -7.96
N THR B 64 15.80 -7.67 -8.12
CA THR B 64 15.51 -8.48 -9.30
C THR B 64 14.10 -9.03 -9.19
N GLU B 65 13.63 -9.62 -10.29
CA GLU B 65 12.27 -10.14 -10.29
C GLU B 65 12.15 -11.32 -9.32
N GLU B 66 13.18 -12.16 -9.27
CA GLU B 66 13.20 -13.29 -8.36
C GLU B 66 13.22 -12.84 -6.90
N HIS B 67 14.08 -11.86 -6.57
CA HIS B 67 14.12 -11.37 -5.20
C HIS B 67 12.81 -10.68 -4.79
N LEU B 68 12.14 -10.02 -5.73
CA LEU B 68 10.89 -9.37 -5.37
C LEU B 68 9.79 -10.40 -5.12
N ARG B 69 9.75 -11.45 -5.94
CA ARG B 69 8.76 -12.50 -5.67
C ARG B 69 9.06 -13.23 -4.37
N ASP B 70 10.34 -13.52 -4.11
CA ASP B 70 10.71 -14.10 -2.82
C ASP B 70 10.30 -13.21 -1.67
N PHE B 71 10.50 -11.89 -1.80
CA PHE B 71 10.17 -10.99 -0.72
C PHE B 71 8.68 -10.95 -0.45
N GLU B 72 7.88 -11.02 -1.53
CA GLU B 72 6.42 -11.08 -1.34
C GLU B 72 6.01 -12.36 -0.63
N ARG B 73 6.63 -13.49 -0.99
CA ARG B 73 6.31 -14.73 -0.31
C ARG B 73 6.71 -14.67 1.16
N GLU B 74 7.88 -14.09 1.44
CA GLU B 74 8.33 -13.93 2.83
C GLU B 74 7.36 -13.06 3.61
N ILE B 75 6.88 -11.98 3.00
CA ILE B 75 5.93 -11.11 3.69
C ILE B 75 4.66 -11.88 4.01
N GLU B 76 4.16 -12.67 3.04
CA GLU B 76 2.95 -13.44 3.30
C GLU B 76 3.17 -14.48 4.40
N ILE B 77 4.34 -15.13 4.40
CA ILE B 77 4.68 -16.09 5.44
C ILE B 77 4.67 -15.44 6.81
N LEU B 78 5.38 -14.30 6.96
CA LEU B 78 5.42 -13.64 8.26
C LEU B 78 4.02 -13.21 8.70
N LYS B 79 3.22 -12.70 7.75
CA LYS B 79 1.86 -12.27 8.10
C LYS B 79 1.04 -13.43 8.65
N SER B 80 1.33 -14.66 8.21
CA SER B 80 0.60 -15.85 8.66
C SER B 80 1.11 -16.40 9.99
N LEU B 81 2.10 -15.78 10.59
CA LEU B 81 2.69 -16.32 11.81
C LEU B 81 2.25 -15.45 12.99
N GLN B 82 1.72 -16.11 14.02
CA GLN B 82 1.41 -15.41 15.26
C GLN B 82 1.84 -16.32 16.41
N HIS B 83 2.90 -15.91 17.09
CA HIS B 83 3.52 -16.70 18.14
C HIS B 83 4.44 -15.80 18.94
N ASP B 84 4.50 -16.05 20.25
CA ASP B 84 5.25 -15.20 21.15
C ASP B 84 6.74 -15.17 20.85
N ASN B 85 7.28 -16.18 20.18
CA ASN B 85 8.71 -16.21 19.88
C ASN B 85 8.98 -16.06 18.38
N ILE B 86 8.10 -15.39 17.67
CA ILE B 86 8.33 -15.01 16.27
C ILE B 86 8.05 -13.52 16.17
N VAL B 87 8.98 -12.78 15.56
CA VAL B 87 8.83 -11.34 15.48
C VAL B 87 7.53 -11.02 14.73
N LYS B 88 6.82 -9.98 15.19
CA LYS B 88 5.46 -9.71 14.77
C LYS B 88 5.40 -8.91 13.47
N TYR B 89 4.61 -9.41 12.52
CA TYR B 89 4.24 -8.65 11.34
C TYR B 89 3.33 -7.50 11.71
N LYS B 90 3.58 -6.32 11.13
CA LYS B 90 2.72 -5.16 11.27
C LYS B 90 2.08 -4.70 9.96
N GLY B 91 2.79 -4.79 8.84
CA GLY B 91 2.22 -4.36 7.58
C GLY B 91 3.27 -4.22 6.49
N VAL B 92 2.84 -3.56 5.41
CA VAL B 92 3.67 -3.31 4.25
C VAL B 92 3.60 -1.83 3.91
N CYS B 93 4.62 -1.37 3.20
CA CYS B 93 4.68 0.00 2.76
C CYS B 93 5.21 0.00 1.34
N TYR B 94 4.52 0.70 0.45
CA TYR B 94 5.00 0.79 -0.94
C TYR B 94 4.64 2.14 -1.53
N SER B 95 5.37 2.50 -2.59
CA SER B 95 5.01 3.63 -3.44
C SER B 95 4.21 3.16 -4.65
N GLY B 97 2.81 2.08 -7.90
CA GLY B 97 2.25 0.75 -7.75
C GLY B 97 3.29 -0.32 -7.44
N ARG B 98 3.30 -0.78 -6.18
CA ARG B 98 4.15 -1.85 -5.67
C ARG B 98 5.65 -1.53 -5.78
N ARG B 99 5.99 -0.27 -6.03
CA ARG B 99 7.39 0.14 -6.02
C ARG B 99 7.88 0.37 -4.60
N ASN B 100 9.15 0.00 -4.35
CA ASN B 100 9.83 0.26 -3.09
C ASN B 100 9.13 -0.47 -1.93
N LEU B 101 8.65 -1.68 -2.20
CA LEU B 101 7.92 -2.46 -1.21
C LEU B 101 8.77 -2.71 0.03
N LYS B 102 8.17 -2.44 1.19
CA LYS B 102 8.85 -2.51 2.48
C LYS B 102 7.99 -3.27 3.48
N LEU B 103 8.63 -4.08 4.32
CA LEU B 103 7.95 -4.90 5.30
C LEU B 103 8.08 -4.25 6.68
N ILE B 104 6.95 -3.98 7.34
CA ILE B 104 6.94 -3.32 8.64
C ILE B 104 6.74 -4.37 9.72
N MET B 105 7.63 -4.37 10.73
CA MET B 105 7.63 -5.31 11.83
C MET B 105 7.78 -4.58 13.17
N GLU B 106 7.47 -5.29 14.26
CA GLU B 106 7.76 -4.74 15.58
C GLU B 106 9.26 -4.56 15.74
N TYR B 107 9.63 -3.51 16.47
CA TYR B 107 11.02 -3.22 16.79
C TYR B 107 11.40 -3.92 18.09
N LEU B 108 12.41 -4.78 18.05
CA LEU B 108 12.92 -5.40 19.25
C LEU B 108 14.23 -4.72 19.62
N PRO B 109 14.33 -4.24 20.86
CA PRO B 109 15.35 -3.23 21.19
C PRO B 109 16.74 -3.71 21.54
N TYR B 110 16.99 -5.00 21.77
CA TYR B 110 18.30 -5.45 22.27
C TYR B 110 19.13 -6.17 21.23
N GLY B 111 18.73 -6.14 19.97
CA GLY B 111 19.54 -6.67 18.90
C GLY B 111 19.53 -8.18 18.84
N SER B 112 20.50 -8.69 18.11
CA SER B 112 20.61 -10.13 17.88
C SER B 112 21.11 -10.88 19.12
N LEU B 113 20.71 -12.14 19.22
CA LEU B 113 21.15 -12.96 20.34
C LEU B 113 22.66 -13.17 20.30
N ARG B 114 23.26 -13.19 19.10
CA ARG B 114 24.72 -13.29 19.00
C ARG B 114 25.43 -12.14 19.74
N ASP B 115 25.07 -10.90 19.40
CA ASP B 115 25.71 -9.75 20.03
C ASP B 115 25.35 -9.65 21.51
N TYR B 116 24.07 -9.83 21.83
CA TYR B 116 23.61 -9.74 23.21
C TYR B 116 24.36 -10.73 24.10
N LEU B 117 24.46 -11.99 23.65
CA LEU B 117 25.13 -13.01 24.43
C LEU B 117 26.61 -12.66 24.62
N GLN B 118 27.24 -12.09 23.59
CA GLN B 118 28.63 -11.63 23.74
C GLN B 118 28.76 -10.57 24.83
N LYS B 119 27.81 -9.63 24.89
CA LYS B 119 27.97 -8.49 25.79
C LYS B 119 27.56 -8.79 27.23
N HIS B 120 26.79 -9.87 27.46
CA HIS B 120 26.31 -10.20 28.80
C HIS B 120 26.75 -11.59 29.23
N LYS B 121 27.90 -12.05 28.73
CA LYS B 121 28.41 -13.38 29.07
C LYS B 121 28.44 -13.61 30.58
N GLU B 122 28.79 -12.58 31.36
CA GLU B 122 29.04 -12.80 32.77
C GLU B 122 27.78 -12.91 33.62
N ARG B 123 26.63 -12.46 33.11
CA ARG B 123 25.40 -12.60 33.85
C ARG B 123 24.43 -13.61 33.23
N ILE B 124 24.86 -14.37 32.21
CA ILE B 124 24.03 -15.37 31.58
C ILE B 124 24.60 -16.74 31.92
N ASP B 125 23.90 -17.49 32.76
CA ASP B 125 24.32 -18.84 33.14
C ASP B 125 23.59 -19.88 32.28
N HIS B 126 23.87 -21.15 32.55
CA HIS B 126 23.37 -22.20 31.65
C HIS B 126 21.85 -22.32 31.70
N ILE B 127 21.24 -22.14 32.88
CA ILE B 127 19.78 -22.25 32.94
C ILE B 127 19.13 -21.14 32.12
N LYS B 128 19.76 -19.94 32.07
CA LYS B 128 19.27 -18.86 31.22
C LYS B 128 19.44 -19.20 29.74
N LEU B 129 20.59 -19.77 29.36
CA LEU B 129 20.76 -20.23 27.98
C LEU B 129 19.66 -21.21 27.60
N LEU B 130 19.26 -22.10 28.53
CA LEU B 130 18.22 -23.09 28.25
C LEU B 130 16.85 -22.46 28.19
N GLN B 131 16.65 -21.36 28.91
CA GLN B 131 15.41 -20.58 28.72
C GLN B 131 15.33 -20.09 27.26
N TYR B 132 16.41 -19.48 26.76
CA TYR B 132 16.43 -19.05 25.36
C TYR B 132 16.20 -20.21 24.40
N THR B 133 16.88 -21.33 24.65
CA THR B 133 16.78 -22.52 23.81
C THR B 133 15.35 -23.01 23.71
N SER B 134 14.70 -23.16 24.87
CA SER B 134 13.33 -23.61 24.88
C SER B 134 12.44 -22.69 24.06
N GLN B 135 12.64 -21.38 24.18
CA GLN B 135 11.80 -20.45 23.41
C GLN B 135 12.01 -20.64 21.90
N ILE B 136 13.27 -20.85 21.49
CA ILE B 136 13.55 -21.11 20.07
C ILE B 136 12.86 -22.40 19.63
N CYS B 137 12.84 -23.42 20.49
CA CYS B 137 12.23 -24.69 20.09
C CYS B 137 10.74 -24.53 19.93
N LYS B 138 10.11 -23.71 20.77
CA LYS B 138 8.68 -23.54 20.63
C LYS B 138 8.34 -22.75 19.38
N GLY B 139 9.14 -21.72 19.08
CA GLY B 139 8.96 -21.02 17.82
C GLY B 139 9.08 -21.95 16.61
N MET B 140 10.10 -22.82 16.63
CA MET B 140 10.30 -23.73 15.50
C MET B 140 9.21 -24.80 15.43
N GLU B 141 8.69 -25.25 16.57
CA GLU B 141 7.61 -26.22 16.54
C GLU B 141 6.36 -25.63 15.89
N TYR B 142 6.06 -24.37 16.21
CA TYR B 142 4.96 -23.67 15.54
C TYR B 142 5.21 -23.52 14.04
N LEU B 143 6.43 -23.11 13.68
CA LEU B 143 6.83 -23.02 12.27
C LEU B 143 6.52 -24.32 11.53
N GLY B 144 6.93 -25.45 12.11
CA GLY B 144 6.67 -26.74 11.50
C GLY B 144 5.18 -27.03 11.35
N THR B 145 4.35 -26.60 12.33
CA THR B 145 2.91 -26.78 12.11
C THR B 145 2.40 -26.00 10.90
N LYS B 146 3.08 -24.91 10.51
CA LYS B 146 2.61 -24.32 9.24
C LYS B 146 3.22 -24.98 8.01
N ARG B 147 4.04 -26.03 8.19
CA ARG B 147 4.79 -26.63 7.09
C ARG B 147 5.74 -25.63 6.42
N TYR B 148 6.30 -24.72 7.24
CA TYR B 148 7.36 -23.81 6.86
C TYR B 148 8.72 -24.38 7.28
N ILE B 149 9.70 -24.24 6.39
CA ILE B 149 11.09 -24.60 6.65
C ILE B 149 11.90 -23.30 6.70
N HIS B 150 12.62 -23.07 7.82
CA HIS B 150 13.28 -21.78 8.01
C HIS B 150 14.54 -21.62 7.15
N ARG B 151 15.42 -22.64 7.17
CA ARG B 151 16.64 -22.73 6.37
C ARG B 151 17.78 -21.81 6.84
N ASP B 152 17.54 -20.93 7.79
CA ASP B 152 18.64 -20.05 8.21
C ASP B 152 18.66 -19.84 9.72
N LEU B 153 18.47 -20.91 10.48
CA LEU B 153 18.50 -20.84 11.92
C LEU B 153 19.93 -20.60 12.37
N ALA B 154 20.15 -19.53 13.13
CA ALA B 154 21.46 -19.10 13.59
C ALA B 154 21.25 -18.00 14.63
N THR B 155 22.19 -17.83 15.56
CA THR B 155 21.96 -16.81 16.60
C THR B 155 21.91 -15.41 16.01
N ARG B 156 22.59 -15.16 14.88
CA ARG B 156 22.48 -13.85 14.25
C ARG B 156 21.06 -13.55 13.77
N ASN B 157 20.21 -14.56 13.64
CA ASN B 157 18.82 -14.38 13.21
C ASN B 157 17.84 -14.54 14.37
N ILE B 158 18.32 -14.51 15.62
CA ILE B 158 17.46 -14.45 16.80
C ILE B 158 17.62 -13.07 17.44
N LEU B 159 16.50 -12.44 17.77
CA LEU B 159 16.50 -11.12 18.38
C LEU B 159 16.04 -11.20 19.83
N VAL B 160 16.51 -10.26 20.65
CA VAL B 160 16.28 -10.23 22.09
C VAL B 160 15.23 -9.15 22.39
N GLU B 161 14.06 -9.54 22.92
CA GLU B 161 13.11 -8.52 23.33
C GLU B 161 13.42 -7.99 24.72
N ASN B 162 13.81 -8.86 25.63
CA ASN B 162 14.35 -8.48 26.92
C ASN B 162 15.18 -9.64 27.41
N GLU B 163 15.76 -9.49 28.60
CA GLU B 163 16.61 -10.53 29.17
C GLU B 163 15.86 -11.86 29.36
N ASN B 164 14.54 -11.90 29.20
CA ASN B 164 13.83 -13.16 29.38
C ASN B 164 13.12 -13.69 28.15
N ARG B 165 13.22 -13.02 26.98
CA ARG B 165 12.47 -13.46 25.82
C ARG B 165 13.23 -13.17 24.52
N VAL B 166 13.31 -14.18 23.66
CA VAL B 166 13.88 -14.03 22.34
C VAL B 166 12.82 -14.40 21.30
N LYS B 167 13.06 -13.95 20.07
CA LYS B 167 12.14 -14.21 18.97
C LYS B 167 12.97 -14.52 17.74
N ILE B 168 12.49 -15.45 16.91
CA ILE B 168 13.08 -15.65 15.59
C ILE B 168 12.79 -14.42 14.75
N GLY B 169 13.84 -13.84 14.15
CA GLY B 169 13.72 -12.48 13.68
C GLY B 169 13.81 -12.25 12.17
N ASP B 170 14.18 -13.27 11.41
CA ASP B 170 14.28 -13.11 9.96
C ASP B 170 13.85 -14.40 9.28
N PHE B 171 13.11 -14.25 8.20
CA PHE B 171 12.53 -15.38 7.48
C PHE B 171 12.82 -15.27 5.99
N GLY B 172 13.93 -14.60 5.63
CA GLY B 172 14.25 -14.31 4.25
C GLY B 172 14.47 -15.54 3.38
N LEU B 173 14.87 -16.66 3.99
CA LEU B 173 15.12 -17.90 3.27
C LEU B 173 14.02 -18.93 3.45
N THR B 174 12.93 -18.57 4.14
CA THR B 174 11.93 -19.56 4.53
C THR B 174 11.10 -20.03 3.34
N LYS B 175 10.89 -21.34 3.25
CA LYS B 175 10.14 -21.98 2.17
C LYS B 175 8.97 -22.77 2.73
N VAL B 176 7.91 -22.88 1.93
CA VAL B 176 6.76 -23.74 2.28
C VAL B 176 6.96 -25.10 1.64
N LEU B 177 6.68 -26.15 2.41
CA LEU B 177 6.79 -27.50 1.89
C LEU B 177 5.73 -27.76 0.82
N PRO B 178 6.04 -28.56 -0.18
CA PRO B 178 5.00 -29.12 -1.05
C PRO B 178 4.11 -30.08 -0.26
N GLN B 179 2.88 -30.27 -0.75
CA GLN B 179 1.99 -31.30 -0.19
C GLN B 179 2.58 -32.70 -0.26
N ASP B 180 3.12 -33.09 -1.40
CA ASP B 180 3.48 -34.49 -1.57
C ASP B 180 4.79 -34.88 -0.90
N LYS B 181 5.54 -33.92 -0.35
CA LYS B 181 6.86 -34.23 0.16
C LYS B 181 7.09 -33.57 1.51
N GLU B 182 8.05 -34.13 2.23
CA GLU B 182 8.44 -33.62 3.53
C GLU B 182 9.77 -32.89 3.36
N PTR B 183 10.14 -32.64 2.11
CA PTR B 183 11.32 -31.83 1.85
C PTR B 183 11.08 -30.91 0.68
O PTR B 183 10.23 -31.14 -0.19
CB PTR B 183 12.56 -32.69 1.63
CG PTR B 183 12.48 -33.70 0.50
CD1 PTR B 183 12.76 -33.32 -0.82
CD2 PTR B 183 12.12 -35.01 0.75
CE1 PTR B 183 12.71 -34.25 -1.85
CE2 PTR B 183 12.06 -35.94 -0.28
CZ PTR B 183 12.33 -35.55 -1.57
OH PTR B 183 12.28 -36.43 -2.53
P PTR B 183 13.57 -37.19 -3.12
O1P PTR B 183 13.33 -38.64 -2.99
O2P PTR B 183 14.87 -36.87 -2.35
O3P PTR B 183 13.77 -36.78 -4.61
N TYR B 184 11.83 -29.83 0.67
CA TYR B 184 11.83 -28.85 -0.42
C TYR B 184 13.24 -28.81 -0.98
N LYS B 185 13.36 -29.00 -2.30
CA LYS B 185 14.64 -28.96 -2.97
C LYS B 185 14.87 -27.57 -3.54
N VAL B 186 15.94 -26.92 -3.07
CA VAL B 186 16.33 -25.63 -3.58
C VAL B 186 17.31 -25.90 -4.71
N LYS B 187 17.04 -25.29 -5.83
CA LYS B 187 17.54 -25.67 -7.12
C LYS B 187 18.03 -24.48 -7.92
N GLU B 188 18.32 -23.38 -7.22
CA GLU B 188 18.21 -22.05 -7.75
C GLU B 188 19.30 -21.22 -7.08
N PRO B 189 19.80 -20.16 -7.74
CA PRO B 189 20.97 -19.46 -7.17
C PRO B 189 20.63 -18.60 -5.96
N GLY B 190 21.57 -18.54 -5.05
CA GLY B 190 21.43 -17.76 -3.83
C GLY B 190 22.32 -18.28 -2.71
N GLU B 191 22.10 -17.69 -1.55
CA GLU B 191 22.92 -17.88 -0.36
C GLU B 191 22.72 -19.15 0.48
N SER B 192 23.88 -19.69 0.88
CA SER B 192 23.99 -20.88 1.73
C SER B 192 24.94 -20.60 2.89
N PRO B 193 24.45 -20.60 4.14
CA PRO B 193 25.26 -20.55 5.38
C PRO B 193 25.80 -21.95 5.67
N ILE B 194 26.79 -22.36 4.87
CA ILE B 194 27.17 -23.77 4.79
C ILE B 194 27.58 -24.34 6.13
N PHE B 195 28.05 -23.52 7.05
CA PHE B 195 28.50 -24.07 8.32
C PHE B 195 27.35 -24.30 9.29
N TRP B 196 26.12 -23.94 8.91
CA TRP B 196 24.91 -24.32 9.64
C TRP B 196 24.12 -25.39 8.91
N TYR B 197 24.57 -25.83 7.73
CA TYR B 197 23.78 -26.68 6.84
C TYR B 197 23.89 -28.17 7.19
N ALA B 198 22.76 -28.87 7.11
CA ALA B 198 22.79 -30.32 7.18
C ALA B 198 23.50 -30.91 5.95
N PRO B 199 24.05 -32.12 6.08
CA PRO B 199 24.74 -32.74 4.92
C PRO B 199 23.89 -32.85 3.67
N GLU B 200 22.63 -33.26 3.80
CA GLU B 200 21.78 -33.38 2.63
C GLU B 200 21.44 -32.02 2.02
N SER B 201 21.53 -30.94 2.81
CA SER B 201 21.39 -29.62 2.23
C SER B 201 22.62 -29.24 1.41
N LEU B 202 23.79 -29.69 1.86
CA LEU B 202 25.03 -29.42 1.14
C LEU B 202 25.11 -30.22 -0.16
N THR B 203 24.73 -31.50 -0.11
CA THR B 203 24.92 -32.39 -1.26
C THR B 203 23.75 -32.37 -2.26
N GLU B 204 22.52 -32.26 -1.79
CA GLU B 204 21.37 -32.34 -2.67
C GLU B 204 20.49 -31.10 -2.57
N SER B 205 20.91 -30.09 -1.80
CA SER B 205 20.10 -28.90 -1.60
C SER B 205 18.71 -29.25 -1.06
N LYS B 206 18.64 -30.27 -0.22
CA LYS B 206 17.40 -30.74 0.38
C LYS B 206 17.21 -30.09 1.73
N PHE B 207 16.05 -29.47 1.91
CA PHE B 207 15.71 -28.77 3.15
C PHE B 207 14.39 -29.27 3.71
N SER B 208 14.33 -29.40 5.04
CA SER B 208 13.21 -30.03 5.72
C SER B 208 13.19 -29.55 7.16
N VAL B 209 12.17 -29.99 7.90
CA VAL B 209 12.19 -29.77 9.35
C VAL B 209 13.45 -30.37 9.96
N ALA B 210 13.92 -31.50 9.39
CA ALA B 210 15.10 -32.18 9.94
C ALA B 210 16.38 -31.39 9.69
N SER B 211 16.51 -30.71 8.55
CA SER B 211 17.68 -29.85 8.37
C SER B 211 17.60 -28.62 9.29
N ASP B 212 16.38 -28.11 9.51
CA ASP B 212 16.21 -27.07 10.52
C ASP B 212 16.65 -27.55 11.91
N VAL B 213 16.43 -28.84 12.22
CA VAL B 213 16.89 -29.40 13.49
C VAL B 213 18.42 -29.49 13.54
N TRP B 214 19.05 -29.91 12.43
CA TRP B 214 20.52 -29.84 12.34
C TRP B 214 21.02 -28.42 12.68
N SER B 215 20.43 -27.42 12.03
CA SER B 215 20.83 -26.05 12.27
C SER B 215 20.57 -25.63 13.72
N PHE B 216 19.48 -26.13 14.30
CA PHE B 216 19.23 -25.83 15.71
C PHE B 216 20.34 -26.39 16.61
N GLY B 217 20.82 -27.59 16.31
CA GLY B 217 21.99 -28.08 17.03
C GLY B 217 23.16 -27.11 16.92
N VAL B 218 23.38 -26.55 15.73
CA VAL B 218 24.46 -25.56 15.63
C VAL B 218 24.16 -24.34 16.50
N VAL B 219 22.91 -23.88 16.52
CA VAL B 219 22.56 -22.73 17.36
C VAL B 219 22.86 -23.02 18.83
N LEU B 220 22.53 -24.23 19.27
CA LEU B 220 22.80 -24.59 20.67
C LEU B 220 24.29 -24.56 20.95
N TYR B 221 25.09 -25.11 20.03
CA TYR B 221 26.55 -24.98 20.12
C TYR B 221 26.95 -23.50 20.29
N GLU B 222 26.40 -22.63 19.43
CA GLU B 222 26.70 -21.20 19.50
C GLU B 222 26.43 -20.62 20.88
N LEU B 223 25.22 -20.85 21.40
CA LEU B 223 24.85 -20.35 22.72
C LEU B 223 25.88 -20.76 23.76
N PHE B 224 26.27 -22.03 23.74
CA PHE B 224 27.17 -22.47 24.81
C PHE B 224 28.63 -22.12 24.56
N THR B 225 29.04 -21.69 23.35
CA THR B 225 30.35 -21.07 23.26
C THR B 225 30.36 -19.65 23.76
N TYR B 226 29.18 -19.08 24.06
CA TYR B 226 29.03 -17.65 24.40
C TYR B 226 29.64 -16.75 23.31
N ILE B 227 29.69 -17.26 22.07
CA ILE B 227 30.16 -16.51 20.92
C ILE B 227 31.58 -16.00 21.18
N GLU B 228 32.42 -16.85 21.81
CA GLU B 228 33.84 -16.54 22.01
C GLU B 228 34.61 -16.72 20.70
N LYS B 229 35.75 -16.03 20.57
CA LYS B 229 36.29 -15.69 19.25
C LYS B 229 36.58 -16.88 18.35
N SER B 230 37.53 -17.71 18.78
CA SER B 230 38.03 -18.81 17.99
C SER B 230 37.02 -19.96 17.88
N LYS B 231 35.87 -19.88 18.54
CA LYS B 231 34.97 -21.02 18.67
C LYS B 231 33.75 -20.96 17.75
N SER B 232 33.66 -19.97 16.86
CA SER B 232 32.54 -19.91 15.94
C SER B 232 32.51 -21.16 15.07
N PRO B 233 31.34 -21.58 14.63
CA PRO B 233 31.25 -22.73 13.68
C PRO B 233 32.13 -22.53 12.45
N PRO B 234 32.14 -21.35 11.83
CA PRO B 234 33.08 -21.17 10.70
C PRO B 234 34.53 -21.34 11.11
N ALA B 235 34.94 -20.75 12.25
CA ALA B 235 36.33 -20.90 12.69
C ALA B 235 36.68 -22.36 12.99
N GLU B 236 35.82 -23.05 13.75
CA GLU B 236 36.10 -24.43 14.12
C GLU B 236 36.15 -25.33 12.89
N PHE B 237 35.17 -25.21 11.99
CA PHE B 237 35.16 -26.07 10.82
C PHE B 237 36.35 -25.77 9.91
N MET B 238 36.70 -24.48 9.74
CA MET B 238 37.83 -24.12 8.89
C MET B 238 39.13 -24.68 9.44
N ARG B 239 39.27 -24.68 10.76
CA ARG B 239 40.46 -25.31 11.33
C ARG B 239 40.40 -26.82 11.17
N MET B 240 39.21 -27.42 11.14
CA MET B 240 39.15 -28.88 11.01
C MET B 240 39.47 -29.33 9.59
N ILE B 241 39.10 -28.53 8.58
CA ILE B 241 39.44 -28.88 7.20
C ILE B 241 40.73 -28.22 6.72
N GLY B 242 41.32 -27.30 7.51
CA GLY B 242 42.52 -26.58 7.13
C GLY B 242 42.24 -25.23 6.51
N ASN B 243 42.82 -24.14 7.01
CA ASN B 243 42.46 -22.85 6.40
C ASN B 243 43.07 -22.60 5.02
N ASP B 244 43.91 -23.50 4.52
CA ASP B 244 44.42 -23.32 3.15
C ASP B 244 43.33 -23.49 2.10
N LYS B 245 42.26 -24.21 2.40
CA LYS B 245 41.26 -24.50 1.40
C LYS B 245 40.53 -23.21 1.00
N GLN B 246 39.83 -23.27 -0.14
CA GLN B 246 39.49 -22.02 -0.82
C GLN B 246 38.19 -22.16 -1.58
N GLY B 247 37.20 -21.35 -1.21
CA GLY B 247 35.97 -21.29 -1.98
C GLY B 247 35.22 -22.60 -2.03
N GLN B 248 34.93 -23.07 -3.25
CA GLN B 248 34.09 -24.24 -3.41
C GLN B 248 34.75 -25.49 -2.82
N MET B 249 36.09 -25.58 -2.87
CA MET B 249 36.75 -26.69 -2.19
C MET B 249 36.28 -26.84 -0.75
N ILE B 250 36.06 -25.70 -0.07
CA ILE B 250 35.58 -25.71 1.31
C ILE B 250 34.35 -26.60 1.44
N VAL B 251 33.31 -26.32 0.64
CA VAL B 251 32.08 -27.09 0.82
C VAL B 251 32.35 -28.57 0.61
N PHE B 252 33.17 -28.91 -0.40
CA PHE B 252 33.45 -30.32 -0.65
C PHE B 252 34.13 -30.95 0.56
N HIS B 253 35.13 -30.27 1.10
CA HIS B 253 35.80 -30.81 2.28
C HIS B 253 34.82 -30.89 3.44
N LEU B 254 33.97 -29.86 3.58
CA LEU B 254 32.95 -29.88 4.63
C LEU B 254 32.11 -31.15 4.51
N ILE B 255 31.64 -31.43 3.29
CA ILE B 255 30.80 -32.61 3.08
C ILE B 255 31.55 -33.84 3.52
N GLU B 256 32.82 -33.97 3.10
CA GLU B 256 33.53 -35.20 3.44
C GLU B 256 33.77 -35.28 4.93
N LEU B 257 34.02 -34.12 5.56
CA LEU B 257 34.23 -34.09 6.99
C LEU B 257 32.98 -34.56 7.73
N LEU B 258 31.81 -34.10 7.27
CA LEU B 258 30.58 -34.50 7.93
C LEU B 258 30.26 -35.95 7.66
N LYS B 259 30.77 -36.52 6.55
CA LYS B 259 30.45 -37.90 6.22
C LYS B 259 31.25 -38.87 7.09
N ASN B 260 32.44 -38.45 7.54
CA ASN B 260 33.24 -39.24 8.46
C ASN B 260 32.98 -38.86 9.92
N ASN B 261 31.80 -38.31 10.20
CA ASN B 261 31.35 -37.98 11.55
C ASN B 261 32.27 -36.96 12.25
N GLY B 262 32.96 -36.13 11.48
CA GLY B 262 33.54 -34.93 12.06
C GLY B 262 32.44 -34.01 12.54
N ARG B 263 32.62 -33.45 13.74
CA ARG B 263 31.59 -32.64 14.38
C ARG B 263 32.22 -31.47 15.12
N LEU B 264 31.42 -30.44 15.36
CA LEU B 264 31.87 -29.35 16.22
C LEU B 264 32.16 -29.88 17.63
N PRO B 265 33.21 -29.40 18.28
CA PRO B 265 33.60 -29.94 19.58
C PRO B 265 32.67 -29.46 20.70
N ARG B 266 32.74 -30.16 21.83
CA ARG B 266 31.98 -29.73 23.00
C ARG B 266 32.52 -28.39 23.49
N PRO B 267 31.68 -27.36 23.60
CA PRO B 267 32.19 -26.06 24.03
C PRO B 267 32.70 -26.11 25.46
N ASP B 268 33.64 -25.21 25.76
CA ASP B 268 34.24 -25.16 27.09
C ASP B 268 33.17 -24.97 28.16
N GLY B 269 33.19 -25.82 29.18
CA GLY B 269 32.21 -25.75 30.24
C GLY B 269 30.84 -26.28 29.89
N CYS B 270 30.65 -26.83 28.71
CA CYS B 270 29.34 -27.33 28.31
C CYS B 270 28.99 -28.63 29.01
N PRO B 271 27.85 -28.72 29.69
CA PRO B 271 27.44 -29.98 30.32
C PRO B 271 27.23 -31.09 29.30
N ASP B 272 27.38 -32.33 29.77
CA ASP B 272 27.41 -33.44 28.83
C ASP B 272 26.05 -33.74 28.22
N GLU B 273 24.94 -33.59 28.98
CA GLU B 273 23.68 -33.88 28.29
C GLU B 273 23.29 -32.79 27.30
N ILE B 274 23.76 -31.54 27.51
CA ILE B 274 23.52 -30.50 26.50
C ILE B 274 24.32 -30.80 25.23
N TYR B 275 25.59 -31.21 25.37
CA TYR B 275 26.34 -31.63 24.20
C TYR B 275 25.72 -32.86 23.55
N MET B 276 25.07 -33.71 24.33
CA MET B 276 24.41 -34.88 23.76
C MET B 276 23.20 -34.48 22.92
N ILE B 277 22.46 -33.46 23.36
CA ILE B 277 21.42 -32.90 22.50
C ILE B 277 22.03 -32.39 21.19
N MET B 278 23.17 -31.69 21.29
CA MET B 278 23.79 -31.15 20.08
C MET B 278 24.10 -32.27 19.09
N THR B 279 24.78 -33.31 19.58
CA THR B 279 25.21 -34.36 18.67
C THR B 279 24.03 -35.17 18.17
N GLU B 280 22.96 -35.21 18.93
CA GLU B 280 21.75 -35.87 18.46
C GLU B 280 21.11 -35.11 17.32
N CYS B 281 21.18 -33.77 17.34
CA CYS B 281 20.64 -33.03 16.21
C CYS B 281 21.52 -33.14 14.96
N TRP B 282 22.80 -33.49 15.11
CA TRP B 282 23.73 -33.67 13.99
C TRP B 282 23.86 -35.11 13.54
N ASN B 283 22.78 -35.88 13.51
CA ASN B 283 22.86 -37.23 12.98
C ASN B 283 22.84 -37.16 11.46
N ASN B 284 23.75 -37.91 10.82
CA ASN B 284 23.74 -37.95 9.36
C ASN B 284 22.39 -38.37 8.82
N ASN B 285 21.71 -39.28 9.51
CA ASN B 285 20.40 -39.77 9.07
C ASN B 285 19.29 -38.84 9.56
N VAL B 286 18.54 -38.26 8.61
CA VAL B 286 17.50 -37.29 8.98
C VAL B 286 16.45 -37.93 9.90
N ASN B 287 16.27 -39.25 9.79
CA ASN B 287 15.23 -39.93 10.55
C ASN B 287 15.63 -40.15 12.01
N GLN B 288 16.91 -39.99 12.35
CA GLN B 288 17.40 -40.12 13.72
C GLN B 288 17.61 -38.78 14.39
N ARG B 289 17.13 -37.69 13.79
CA ARG B 289 17.15 -36.37 14.40
C ARG B 289 15.89 -36.16 15.20
N PRO B 290 16.01 -35.55 16.39
CA PRO B 290 14.84 -35.33 17.23
C PRO B 290 13.89 -34.32 16.59
N SER B 291 12.63 -34.41 16.98
CA SER B 291 11.67 -33.37 16.62
C SER B 291 11.84 -32.16 17.53
N PHE B 292 11.32 -31.01 17.07
CA PHE B 292 11.36 -29.82 17.90
C PHE B 292 10.49 -29.97 19.15
N ARG B 293 9.38 -30.71 19.06
CA ARG B 293 8.60 -31.01 20.26
C ARG B 293 9.44 -31.82 21.26
N ASP B 294 10.16 -32.84 20.76
CA ASP B 294 11.04 -33.62 21.64
C ASP B 294 12.09 -32.72 22.28
N LEU B 295 12.67 -31.81 21.49
CA LEU B 295 13.72 -30.95 22.00
C LEU B 295 13.19 -30.02 23.08
N ALA B 296 12.01 -29.43 22.86
CA ALA B 296 11.39 -28.55 23.86
C ALA B 296 11.14 -29.28 25.16
N LEU B 297 10.59 -30.50 25.07
CA LEU B 297 10.33 -31.29 26.27
C LEU B 297 11.63 -31.62 27.00
N ARG B 298 12.67 -32.03 26.26
CA ARG B 298 13.93 -32.43 26.86
C ARG B 298 14.61 -31.25 27.54
N VAL B 299 14.62 -30.09 26.88
CA VAL B 299 15.25 -28.91 27.45
C VAL B 299 14.50 -28.45 28.70
N ASP B 300 13.16 -28.46 28.66
CA ASP B 300 12.39 -28.07 29.83
C ASP B 300 12.62 -29.03 30.99
N GLN B 301 12.80 -30.33 30.70
CA GLN B 301 13.07 -31.29 31.77
C GLN B 301 14.46 -31.11 32.35
N ILE B 302 15.45 -30.79 31.51
CA ILE B 302 16.78 -30.46 32.02
C ILE B 302 16.72 -29.22 32.89
N ARG B 303 15.99 -28.20 32.45
CA ARG B 303 15.84 -26.97 33.23
C ARG B 303 15.24 -27.28 34.59
N ASP B 304 14.21 -28.12 34.61
CA ASP B 304 13.57 -28.50 35.87
C ASP B 304 14.55 -29.23 36.76
N ASN B 305 15.39 -30.10 36.17
CA ASN B 305 16.41 -30.77 36.96
C ASN B 305 17.39 -29.77 37.57
N MET B 306 17.80 -28.77 36.80
CA MET B 306 18.79 -27.83 37.30
C MET B 306 18.21 -26.90 38.37
N ALA B 307 16.90 -26.63 38.30
CA ALA B 307 16.27 -25.70 39.23
C ALA B 307 15.80 -26.39 40.50
N GLY B 308 14.85 -27.31 40.39
CA GLY B 308 14.32 -28.03 41.54
C GLY B 308 15.30 -28.94 42.25
N GLN C 19 -16.01 35.50 -11.15
CA GLN C 19 -15.16 34.54 -11.84
C GLN C 19 -14.72 35.05 -13.22
N PHE C 20 -15.55 34.74 -14.21
CA PHE C 20 -15.41 35.20 -15.59
C PHE C 20 -16.21 36.48 -15.82
N GLU C 21 -15.70 37.33 -16.70
CA GLU C 21 -16.38 38.56 -17.06
C GLU C 21 -16.83 38.46 -18.51
N GLU C 22 -18.07 38.89 -18.78
CA GLU C 22 -18.69 38.54 -20.05
C GLU C 22 -18.05 39.21 -21.26
N ARG C 23 -17.45 40.39 -21.11
CA ARG C 23 -16.88 41.04 -22.28
C ARG C 23 -15.63 40.33 -22.80
N HIS C 24 -15.09 39.36 -22.05
CA HIS C 24 -14.01 38.51 -22.55
C HIS C 24 -14.50 37.23 -23.19
N LEU C 25 -15.78 36.90 -23.08
CA LEU C 25 -16.31 35.69 -23.70
C LEU C 25 -16.56 35.99 -25.17
N LYS C 26 -15.81 35.33 -26.04
CA LYS C 26 -15.91 35.51 -27.48
C LYS C 26 -16.65 34.31 -28.06
N PHE C 27 -17.85 34.56 -28.60
CA PHE C 27 -18.63 33.47 -29.18
C PHE C 27 -17.91 32.85 -30.36
N LEU C 28 -17.89 31.52 -30.41
CA LEU C 28 -17.36 30.82 -31.57
C LEU C 28 -18.43 30.00 -32.29
N GLN C 29 -19.23 29.22 -31.57
CA GLN C 29 -20.33 28.53 -32.25
C GLN C 29 -21.27 27.93 -31.22
N GLN C 30 -22.39 27.43 -31.69
CA GLN C 30 -23.30 26.70 -30.82
C GLN C 30 -22.86 25.24 -30.77
N LEU C 31 -22.88 24.67 -29.57
CA LEU C 31 -22.54 23.27 -29.40
C LEU C 31 -23.75 22.39 -29.20
N GLY C 32 -24.81 22.87 -28.56
CA GLY C 32 -25.96 22.03 -28.33
C GLY C 32 -27.15 22.82 -27.83
N LYS C 33 -28.32 22.22 -28.05
CA LYS C 33 -29.60 22.75 -27.59
C LYS C 33 -30.41 21.70 -26.86
N GLY C 34 -30.76 22.01 -25.61
CA GLY C 34 -31.80 21.32 -24.89
C GLY C 34 -33.07 22.14 -24.83
N ASN C 35 -33.88 21.87 -23.83
CA ASN C 35 -34.90 22.84 -23.47
C ASN C 35 -34.42 23.72 -22.34
N PHE C 36 -34.91 24.96 -22.41
CA PHE C 36 -34.58 26.16 -21.64
C PHE C 36 -33.06 26.39 -21.59
N GLY C 37 -32.26 25.62 -22.32
CA GLY C 37 -30.82 25.86 -22.31
C GLY C 37 -30.10 25.55 -23.60
N SER C 38 -28.92 26.13 -23.71
CA SER C 38 -28.01 25.85 -24.82
C SER C 38 -26.59 26.08 -24.33
N VAL C 39 -25.65 25.44 -25.01
CA VAL C 39 -24.22 25.53 -24.68
C VAL C 39 -23.50 26.03 -25.92
N GLU C 40 -22.63 27.01 -25.74
CA GLU C 40 -21.86 27.62 -26.83
C GLU C 40 -20.37 27.39 -26.61
N MET C 41 -19.66 27.16 -27.70
CA MET C 41 -18.20 27.19 -27.69
C MET C 41 -17.74 28.65 -27.75
N CYS C 42 -16.97 29.09 -26.74
CA CYS C 42 -16.43 30.44 -26.66
C CYS C 42 -14.95 30.41 -26.31
N ARG C 43 -14.27 31.53 -26.54
CA ARG C 43 -12.90 31.72 -26.08
C ARG C 43 -12.90 32.74 -24.94
N TYR C 44 -12.40 32.35 -23.79
CA TYR C 44 -12.11 33.31 -22.71
C TYR C 44 -10.73 33.89 -22.95
N ASP C 45 -10.71 35.16 -23.34
CA ASP C 45 -9.51 35.86 -23.81
C ASP C 45 -9.40 37.19 -23.07
N PRO C 46 -9.08 37.14 -21.77
CA PRO C 46 -9.07 38.39 -20.99
C PRO C 46 -8.03 39.41 -21.43
N LEU C 47 -6.85 38.99 -21.89
CA LEU C 47 -5.83 39.92 -22.40
C LEU C 47 -6.04 40.31 -23.86
N GLN C 48 -7.05 39.75 -24.54
CA GLN C 48 -7.45 40.17 -25.89
C GLN C 48 -6.33 40.00 -26.91
N ASP C 49 -5.44 39.04 -26.69
CA ASP C 49 -4.36 38.75 -27.63
C ASP C 49 -4.47 37.34 -28.22
N ASN C 50 -5.65 36.73 -28.15
CA ASN C 50 -5.86 35.36 -28.65
C ASN C 50 -4.97 34.35 -27.93
N THR C 51 -4.70 34.58 -26.63
CA THR C 51 -4.08 33.58 -25.76
C THR C 51 -5.09 32.84 -24.88
N GLY C 52 -6.33 33.32 -24.75
CA GLY C 52 -7.25 32.70 -23.82
C GLY C 52 -7.66 31.29 -24.23
N GLU C 53 -8.22 30.56 -23.28
CA GLU C 53 -8.59 29.17 -23.56
C GLU C 53 -10.03 29.09 -24.08
N VAL C 54 -10.29 28.07 -24.89
CA VAL C 54 -11.65 27.77 -25.33
C VAL C 54 -12.40 27.05 -24.21
N VAL C 55 -13.58 27.55 -23.88
CA VAL C 55 -14.43 27.02 -22.83
C VAL C 55 -15.83 26.79 -23.42
N ALA C 56 -16.64 26.04 -22.68
CA ALA C 56 -18.04 25.83 -23.00
C ALA C 56 -18.89 26.67 -22.07
N VAL C 57 -19.94 27.30 -22.60
CA VAL C 57 -20.75 28.23 -21.83
C VAL C 57 -22.21 27.81 -21.92
N LYS C 58 -22.81 27.49 -20.77
CA LYS C 58 -24.22 27.14 -20.73
C LYS C 58 -25.03 28.35 -20.31
N LYS C 59 -26.14 28.55 -21.00
CA LYS C 59 -27.07 29.62 -20.69
C LYS C 59 -28.50 29.15 -20.94
N LEU C 60 -29.44 29.87 -20.32
CA LEU C 60 -30.86 29.65 -20.54
C LEU C 60 -31.31 30.34 -21.83
N GLN C 61 -32.30 29.77 -22.51
CA GLN C 61 -32.81 30.47 -23.67
C GLN C 61 -33.94 31.42 -23.33
N HIS C 62 -34.67 31.15 -22.25
CA HIS C 62 -35.85 31.94 -21.84
C HIS C 62 -35.77 31.99 -20.31
N SER C 63 -35.17 33.05 -19.79
CA SER C 63 -34.70 33.07 -18.39
C SER C 63 -35.80 33.59 -17.47
N THR C 64 -36.85 32.76 -17.32
CA THR C 64 -37.89 32.95 -16.32
C THR C 64 -37.34 32.71 -14.90
N GLU C 65 -38.14 33.07 -13.90
CA GLU C 65 -37.68 32.94 -12.51
C GLU C 65 -37.56 31.49 -12.09
N GLU C 66 -38.49 30.65 -12.55
CA GLU C 66 -38.43 29.23 -12.24
C GLU C 66 -37.19 28.59 -12.88
N HIS C 67 -36.96 28.89 -14.16
CA HIS C 67 -35.80 28.33 -14.84
C HIS C 67 -34.49 28.84 -14.25
N LEU C 68 -34.46 30.09 -13.75
CA LEU C 68 -33.24 30.60 -13.15
C LEU C 68 -32.95 29.94 -11.80
N ARG C 69 -33.99 29.67 -11.00
CA ARG C 69 -33.77 28.93 -9.75
C ARG C 69 -33.30 27.49 -10.02
N ASP C 70 -33.91 26.84 -11.04
CA ASP C 70 -33.43 25.53 -11.48
C ASP C 70 -31.97 25.59 -11.91
N PHE C 71 -31.60 26.65 -12.66
CA PHE C 71 -30.25 26.78 -13.18
C PHE C 71 -29.24 27.02 -12.06
N GLU C 72 -29.61 27.80 -11.06
CA GLU C 72 -28.72 27.99 -9.92
C GLU C 72 -28.51 26.67 -9.18
N ARG C 73 -29.56 25.87 -9.03
CA ARG C 73 -29.39 24.56 -8.40
C ARG C 73 -28.51 23.63 -9.24
N GLU C 74 -28.70 23.65 -10.58
CA GLU C 74 -27.86 22.83 -11.45
C GLU C 74 -26.39 23.22 -11.33
N ILE C 75 -26.13 24.54 -11.27
CA ILE C 75 -24.76 25.03 -11.13
C ILE C 75 -24.14 24.55 -9.82
N GLU C 76 -24.91 24.61 -8.72
CA GLU C 76 -24.39 24.13 -7.43
C GLU C 76 -24.09 22.63 -7.46
N ILE C 77 -24.98 21.84 -8.07
CA ILE C 77 -24.72 20.42 -8.21
C ILE C 77 -23.40 20.17 -8.95
N LEU C 78 -23.23 20.81 -10.12
CA LEU C 78 -22.03 20.56 -10.92
C LEU C 78 -20.78 20.99 -10.17
N LYS C 79 -20.83 22.15 -9.52
CA LYS C 79 -19.67 22.62 -8.76
C LYS C 79 -19.28 21.64 -7.65
N SER C 80 -20.24 20.89 -7.12
CA SER C 80 -19.94 19.92 -6.08
C SER C 80 -19.44 18.59 -6.62
N LEU C 81 -19.34 18.42 -7.94
CA LEU C 81 -18.91 17.15 -8.53
C LEU C 81 -17.48 17.27 -9.01
N GLN C 82 -16.63 16.34 -8.58
CA GLN C 82 -15.23 16.25 -9.03
C GLN C 82 -14.94 14.78 -9.27
N HIS C 83 -14.79 14.41 -10.54
CA HIS C 83 -14.66 13.02 -10.94
C HIS C 83 -14.13 12.98 -12.37
N ASP C 84 -13.34 11.95 -12.67
CA ASP C 84 -12.71 11.89 -14.00
C ASP C 84 -13.75 11.82 -15.11
N ASN C 85 -14.95 11.31 -14.81
CA ASN C 85 -15.98 11.10 -15.81
C ASN C 85 -17.18 12.01 -15.62
N ILE C 86 -16.94 13.20 -15.06
CA ILE C 86 -17.94 14.26 -14.97
C ILE C 86 -17.31 15.53 -15.53
N VAL C 87 -18.03 16.22 -16.42
CA VAL C 87 -17.46 17.42 -17.03
C VAL C 87 -17.11 18.46 -15.97
N LYS C 88 -15.99 19.14 -16.15
CA LYS C 88 -15.43 19.98 -15.08
C LYS C 88 -16.08 21.36 -15.06
N TYR C 89 -16.53 21.74 -13.88
CA TYR C 89 -16.96 23.10 -13.61
C TYR C 89 -15.77 24.05 -13.59
N LYS C 90 -15.91 25.21 -14.21
CA LYS C 90 -14.88 26.24 -14.17
C LYS C 90 -15.33 27.52 -13.46
N GLY C 91 -16.59 27.90 -13.59
CA GLY C 91 -17.05 29.08 -12.89
C GLY C 91 -18.38 29.57 -13.45
N VAL C 92 -18.73 30.78 -13.05
CA VAL C 92 -19.95 31.43 -13.51
C VAL C 92 -19.57 32.82 -14.01
N CYS C 93 -20.45 33.38 -14.83
CA CYS C 93 -20.25 34.67 -15.44
C CYS C 93 -21.54 35.46 -15.30
N TYR C 94 -21.43 36.73 -14.93
CA TYR C 94 -22.61 37.56 -14.73
C TYR C 94 -22.59 38.79 -15.62
N SER C 95 -23.76 39.12 -16.15
CA SER C 95 -24.05 40.44 -16.67
C SER C 95 -24.87 41.16 -15.61
N ALA C 96 -25.07 42.47 -15.80
CA ALA C 96 -25.71 43.38 -14.83
C ALA C 96 -26.62 42.68 -13.82
N GLY C 97 -26.23 42.72 -12.54
CA GLY C 97 -26.93 41.96 -11.51
C GLY C 97 -26.65 40.47 -11.64
N ARG C 98 -27.70 39.66 -11.83
CA ARG C 98 -27.53 38.23 -12.11
C ARG C 98 -28.37 37.78 -13.30
N ARG C 99 -28.90 38.74 -14.06
CA ARG C 99 -29.49 38.41 -15.34
C ARG C 99 -28.40 37.84 -16.26
N ASN C 100 -28.82 36.90 -17.12
CA ASN C 100 -27.93 36.28 -18.10
C ASN C 100 -26.87 35.46 -17.39
N LEU C 101 -27.25 34.83 -16.29
CA LEU C 101 -26.31 34.00 -15.53
C LEU C 101 -25.78 32.91 -16.46
N LYS C 102 -24.48 32.69 -16.43
CA LYS C 102 -23.82 31.80 -17.37
C LYS C 102 -22.90 30.83 -16.63
N LEU C 103 -22.93 29.57 -17.04
CA LEU C 103 -22.12 28.53 -16.41
C LEU C 103 -20.95 28.22 -17.32
N ILE C 104 -19.73 28.31 -16.77
CA ILE C 104 -18.51 28.06 -17.54
C ILE C 104 -18.00 26.66 -17.22
N MET C 105 -17.77 25.86 -18.26
CA MET C 105 -17.28 24.49 -18.12
C MET C 105 -16.12 24.28 -19.07
N GLU C 106 -15.33 23.23 -18.81
CA GLU C 106 -14.31 22.82 -19.76
C GLU C 106 -14.96 22.42 -21.07
N TYR C 107 -14.27 22.72 -22.17
CA TYR C 107 -14.69 22.33 -23.51
C TYR C 107 -14.12 20.95 -23.84
N LEU C 108 -15.00 20.04 -24.25
CA LEU C 108 -14.55 18.70 -24.65
C LEU C 108 -14.57 18.61 -26.16
N PRO C 109 -13.45 18.31 -26.81
CA PRO C 109 -13.34 18.64 -28.25
C PRO C 109 -14.03 17.65 -29.17
N TYR C 110 -14.46 16.47 -28.69
CA TYR C 110 -15.01 15.50 -29.62
C TYR C 110 -16.53 15.44 -29.59
N GLY C 111 -17.19 16.34 -28.87
CA GLY C 111 -18.64 16.41 -28.91
C GLY C 111 -19.35 15.31 -28.15
N SER C 112 -20.64 15.14 -28.43
CA SER C 112 -21.46 14.18 -27.71
C SER C 112 -21.13 12.76 -28.17
N LEU C 113 -21.31 11.81 -27.25
CA LEU C 113 -21.01 10.42 -27.56
C LEU C 113 -21.92 9.88 -28.66
N ARG C 114 -23.18 10.32 -28.69
CA ARG C 114 -24.06 9.95 -29.80
C ARG C 114 -23.45 10.32 -31.16
N ASP C 115 -23.06 11.59 -31.30
CA ASP C 115 -22.50 12.03 -32.58
C ASP C 115 -21.16 11.35 -32.85
N TYR C 116 -20.31 11.28 -31.82
CA TYR C 116 -19.00 10.65 -32.00
C TYR C 116 -19.13 9.22 -32.47
N LEU C 117 -20.01 8.46 -31.83
CA LEU C 117 -20.18 7.05 -32.16
C LEU C 117 -20.75 6.88 -33.56
N GLN C 118 -21.74 7.68 -33.94
CA GLN C 118 -22.26 7.59 -35.30
C GLN C 118 -21.15 7.87 -36.31
N LYS C 119 -20.26 8.81 -35.99
CA LYS C 119 -19.26 9.28 -36.93
C LYS C 119 -18.07 8.34 -37.05
N HIS C 120 -17.78 7.53 -36.05
CA HIS C 120 -16.63 6.64 -36.11
C HIS C 120 -17.04 5.18 -35.91
N LYS C 121 -18.29 4.83 -36.27
CA LYS C 121 -18.79 3.48 -35.99
C LYS C 121 -17.81 2.42 -36.47
N GLU C 122 -17.12 2.65 -37.58
CA GLU C 122 -16.26 1.63 -38.17
C GLU C 122 -14.95 1.46 -37.43
N ARG C 123 -14.54 2.40 -36.57
CA ARG C 123 -13.25 2.16 -35.94
C ARG C 123 -13.40 1.98 -34.42
N ILE C 124 -14.63 1.84 -33.91
CA ILE C 124 -14.93 1.66 -32.49
C ILE C 124 -15.48 0.24 -32.25
N ASP C 125 -14.70 -0.62 -31.60
CA ASP C 125 -15.13 -2.00 -31.39
C ASP C 125 -15.79 -2.19 -30.01
N HIS C 126 -16.19 -3.44 -29.72
CA HIS C 126 -16.95 -3.73 -28.51
C HIS C 126 -16.12 -3.46 -27.26
N ILE C 127 -14.80 -3.69 -27.32
CA ILE C 127 -13.95 -3.43 -26.16
C ILE C 127 -14.01 -1.96 -25.79
N LYS C 128 -14.06 -1.12 -26.82
CA LYS C 128 -14.17 0.32 -26.63
C LYS C 128 -15.52 0.74 -26.06
N LEU C 129 -16.61 0.15 -26.59
CA LEU C 129 -17.94 0.41 -26.05
C LEU C 129 -18.00 0.07 -24.56
N LEU C 130 -17.34 -1.00 -24.16
CA LEU C 130 -17.35 -1.39 -22.75
C LEU C 130 -16.45 -0.50 -21.90
N GLN C 131 -15.38 0.05 -22.50
CA GLN C 131 -14.62 1.10 -21.81
C GLN C 131 -15.52 2.30 -21.49
N TYR C 132 -16.25 2.79 -22.50
CA TYR C 132 -17.17 3.92 -22.28
C TYR C 132 -18.23 3.56 -21.25
N THR C 133 -18.78 2.34 -21.37
CA THR C 133 -19.80 1.87 -20.44
C THR C 133 -19.31 1.89 -19.00
N SER C 134 -18.11 1.34 -18.75
CA SER C 134 -17.54 1.36 -17.40
C SER C 134 -17.38 2.77 -16.87
N GLN C 135 -16.87 3.68 -17.70
CA GLN C 135 -16.67 5.05 -17.25
C GLN C 135 -17.99 5.71 -16.87
N ILE C 136 -19.04 5.47 -17.67
CA ILE C 136 -20.37 5.99 -17.38
C ILE C 136 -20.89 5.42 -16.06
N CYS C 137 -20.60 4.14 -15.80
CA CYS C 137 -21.05 3.56 -14.54
C CYS C 137 -20.33 4.17 -13.36
N LYS C 138 -19.06 4.48 -13.52
CA LYS C 138 -18.32 5.05 -12.40
C LYS C 138 -18.78 6.47 -12.10
N GLY C 139 -19.02 7.26 -13.15
CA GLY C 139 -19.62 8.57 -12.95
C GLY C 139 -20.98 8.50 -12.28
N MET C 140 -21.84 7.58 -12.72
CA MET C 140 -23.17 7.47 -12.13
C MET C 140 -23.10 7.02 -10.68
N GLU C 141 -22.19 6.10 -10.37
CA GLU C 141 -22.05 5.66 -8.98
C GLU C 141 -21.62 6.82 -8.10
N TYR C 142 -20.72 7.68 -8.61
CA TYR C 142 -20.35 8.85 -7.84
C TYR C 142 -21.56 9.74 -7.57
N LEU C 143 -22.38 9.99 -8.61
CA LEU C 143 -23.62 10.73 -8.41
C LEU C 143 -24.45 10.14 -7.27
N GLY C 144 -24.60 8.81 -7.29
CA GLY C 144 -25.37 8.13 -6.26
C GLY C 144 -24.81 8.31 -4.86
N THR C 145 -23.49 8.27 -4.70
CA THR C 145 -22.94 8.55 -3.37
C THR C 145 -23.26 9.96 -2.91
N LYS C 146 -23.53 10.88 -3.85
CA LYS C 146 -24.02 12.20 -3.46
C LYS C 146 -25.55 12.28 -3.32
N ARG C 147 -26.27 11.17 -3.48
CA ARG C 147 -27.74 11.15 -3.48
C ARG C 147 -28.34 12.07 -4.57
N TYR C 148 -27.65 12.21 -5.71
CA TYR C 148 -28.16 12.91 -6.89
C TYR C 148 -28.78 11.93 -7.88
N ILE C 149 -29.94 12.28 -8.43
CA ILE C 149 -30.58 11.50 -9.49
C ILE C 149 -30.44 12.29 -10.79
N HIS C 150 -29.79 11.68 -11.79
CA HIS C 150 -29.46 12.42 -13.02
C HIS C 150 -30.72 12.74 -13.84
N ARG C 151 -31.58 11.73 -14.04
CA ARG C 151 -32.88 11.84 -14.72
C ARG C 151 -32.77 12.02 -16.23
N ASP C 152 -31.59 12.15 -16.81
CA ASP C 152 -31.52 12.35 -18.27
C ASP C 152 -30.35 11.57 -18.87
N LEU C 153 -30.18 10.32 -18.45
CA LEU C 153 -29.07 9.51 -18.97
C LEU C 153 -29.38 9.04 -20.39
N ALA C 154 -28.53 9.43 -21.34
CA ALA C 154 -28.65 9.19 -22.77
C ALA C 154 -27.32 9.55 -23.44
N THR C 155 -27.01 8.87 -24.55
CA THR C 155 -25.72 9.13 -25.17
C THR C 155 -25.61 10.57 -25.66
N ARG C 156 -26.74 11.22 -25.96
CA ARG C 156 -26.70 12.63 -26.32
C ARG C 156 -26.23 13.51 -25.15
N ASN C 157 -26.27 13.00 -23.91
CA ASN C 157 -25.82 13.74 -22.73
C ASN C 157 -24.49 13.23 -22.18
N ILE C 158 -23.76 12.42 -22.94
CA ILE C 158 -22.39 12.01 -22.65
C ILE C 158 -21.46 12.66 -23.68
N LEU C 159 -20.32 13.17 -23.21
CA LEU C 159 -19.34 13.86 -24.04
C LEU C 159 -18.03 13.08 -24.11
N VAL C 160 -17.30 13.27 -25.21
CA VAL C 160 -16.04 12.58 -25.45
C VAL C 160 -14.92 13.59 -25.23
N GLU C 161 -14.05 13.32 -24.24
CA GLU C 161 -12.88 14.17 -24.07
C GLU C 161 -11.75 13.79 -25.02
N ASN C 162 -11.50 12.49 -25.16
CA ASN C 162 -10.58 11.91 -26.14
C ASN C 162 -11.04 10.49 -26.40
N GLU C 163 -10.32 9.78 -27.26
CA GLU C 163 -10.72 8.42 -27.64
C GLU C 163 -10.76 7.46 -26.45
N ASN C 164 -10.18 7.84 -25.30
CA ASN C 164 -10.13 6.94 -24.15
C ASN C 164 -10.92 7.45 -22.93
N ARG C 165 -11.65 8.56 -23.04
CA ARG C 165 -12.37 9.10 -21.90
C ARG C 165 -13.67 9.78 -22.31
N VAL C 166 -14.77 9.42 -21.63
CA VAL C 166 -16.05 10.09 -21.79
C VAL C 166 -16.46 10.63 -20.42
N LYS C 167 -17.37 11.61 -20.43
CA LYS C 167 -17.84 12.29 -19.23
C LYS C 167 -19.33 12.54 -19.32
N ILE C 168 -20.03 12.39 -18.20
CA ILE C 168 -21.40 12.85 -18.14
C ILE C 168 -21.38 14.37 -18.26
N GLY C 169 -22.15 14.90 -19.21
CA GLY C 169 -21.90 16.24 -19.69
C GLY C 169 -22.99 17.26 -19.45
N ASP C 170 -24.15 16.83 -18.98
CA ASP C 170 -25.27 17.75 -18.75
C ASP C 170 -26.07 17.30 -17.54
N PHE C 171 -26.48 18.27 -16.72
CA PHE C 171 -27.14 17.97 -15.46
C PHE C 171 -28.42 18.79 -15.27
N GLY C 172 -29.04 19.24 -16.37
CA GLY C 172 -30.18 20.14 -16.31
C GLY C 172 -31.41 19.58 -15.61
N LEU C 173 -31.56 18.26 -15.55
CA LEU C 173 -32.72 17.63 -14.93
C LEU C 173 -32.38 16.97 -13.60
N THR C 174 -31.15 17.13 -13.13
CA THR C 174 -30.65 16.39 -11.98
C THR C 174 -31.26 16.92 -10.69
N LYS C 175 -31.67 16.00 -9.81
CA LYS C 175 -32.30 16.32 -8.53
C LYS C 175 -31.58 15.65 -7.37
N VAL C 176 -31.63 16.30 -6.21
CA VAL C 176 -31.12 15.76 -4.96
C VAL C 176 -32.27 15.04 -4.25
N LEU C 177 -32.01 13.84 -3.76
CA LEU C 177 -33.04 13.10 -3.05
C LEU C 177 -33.42 13.82 -1.76
N PRO C 178 -34.67 13.71 -1.32
CA PRO C 178 -34.98 14.11 0.06
C PRO C 178 -34.14 13.28 1.02
N GLN C 179 -33.82 13.87 2.18
CA GLN C 179 -33.08 13.11 3.18
C GLN C 179 -33.83 11.84 3.60
N ASP C 180 -35.14 11.96 3.75
CA ASP C 180 -35.96 10.87 4.28
C ASP C 180 -36.39 9.82 3.25
N LYS C 181 -36.15 10.02 1.95
CA LYS C 181 -36.70 9.06 1.00
C LYS C 181 -35.74 8.76 -0.14
N GLU C 182 -36.02 7.64 -0.82
CA GLU C 182 -35.14 7.16 -1.88
C GLU C 182 -35.61 7.47 -3.31
N PTR C 183 -36.69 8.23 -3.45
CA PTR C 183 -37.16 8.66 -4.75
C PTR C 183 -37.52 10.11 -4.71
O PTR C 183 -37.62 10.72 -3.65
CB PTR C 183 -38.37 7.86 -5.23
CG PTR C 183 -39.57 7.92 -4.32
CD1 PTR C 183 -40.52 8.95 -4.42
CD2 PTR C 183 -39.74 6.96 -3.34
CE1 PTR C 183 -41.63 8.99 -3.58
CE2 PTR C 183 -40.84 7.00 -2.49
CZ PTR C 183 -41.75 8.03 -2.59
OH PTR C 183 -42.75 7.94 -1.74
P PTR C 183 -44.05 7.03 -2.03
O1P PTR C 183 -44.26 6.72 -3.52
O2P PTR C 183 -43.84 5.77 -1.29
O3P PTR C 183 -45.31 7.73 -1.46
N TYR C 184 -37.71 10.67 -5.90
CA TYR C 184 -38.07 12.06 -6.09
C TYR C 184 -39.19 12.08 -7.11
N LYS C 185 -40.31 12.68 -6.73
CA LYS C 185 -41.49 12.78 -7.57
C LYS C 185 -41.51 14.13 -8.27
N VAL C 186 -41.52 14.11 -9.58
CA VAL C 186 -41.55 15.38 -10.31
C VAL C 186 -42.11 15.13 -11.70
N LYS C 187 -43.08 15.95 -12.10
CA LYS C 187 -43.60 15.92 -13.46
C LYS C 187 -43.50 17.33 -14.02
N GLU C 188 -42.95 17.42 -15.22
CA GLU C 188 -42.50 18.65 -15.85
C GLU C 188 -43.30 18.87 -17.13
N PRO C 189 -43.67 20.10 -17.50
CA PRO C 189 -44.40 20.29 -18.78
C PRO C 189 -43.46 20.27 -19.99
N GLY C 190 -43.91 19.71 -21.12
CA GLY C 190 -43.11 19.73 -22.34
C GLY C 190 -42.47 18.39 -22.66
N GLU C 191 -41.48 18.40 -23.59
CA GLU C 191 -40.85 17.11 -23.86
C GLU C 191 -40.31 16.37 -22.65
N SER C 192 -40.58 15.07 -22.61
CA SER C 192 -40.02 14.19 -21.61
C SER C 192 -39.40 13.05 -22.45
N PRO C 193 -38.13 12.72 -22.24
CA PRO C 193 -37.56 11.60 -23.01
C PRO C 193 -38.13 10.28 -22.54
N ILE C 194 -39.40 10.07 -22.85
CA ILE C 194 -40.16 8.95 -22.28
C ILE C 194 -39.58 7.61 -22.69
N PHE C 195 -38.85 7.56 -23.82
CA PHE C 195 -38.34 6.27 -24.28
C PHE C 195 -37.08 5.83 -23.55
N TRP C 196 -36.59 6.67 -22.64
CA TRP C 196 -35.54 6.33 -21.69
C TRP C 196 -36.07 6.13 -20.27
N TYR C 197 -37.38 6.32 -20.08
CA TYR C 197 -37.97 6.37 -18.74
C TYR C 197 -38.31 4.98 -18.18
N ALA C 198 -38.03 4.80 -16.89
CA ALA C 198 -38.52 3.60 -16.22
C ALA C 198 -40.06 3.61 -16.17
N PRO C 199 -40.69 2.44 -16.09
CA PRO C 199 -42.17 2.40 -15.98
C PRO C 199 -42.69 3.24 -14.82
N GLU C 200 -42.04 3.16 -13.65
CA GLU C 200 -42.51 3.93 -12.51
C GLU C 200 -42.33 5.43 -12.72
N SER C 201 -41.41 5.84 -13.61
CA SER C 201 -41.34 7.25 -13.99
C SER C 201 -42.46 7.64 -14.93
N LEU C 202 -42.87 6.72 -15.82
CA LEU C 202 -43.99 7.03 -16.69
C LEU C 202 -45.30 7.09 -15.90
N THR C 203 -45.52 6.15 -14.99
CA THR C 203 -46.82 6.06 -14.32
C THR C 203 -46.92 6.96 -13.10
N GLU C 204 -45.85 7.10 -12.30
CA GLU C 204 -45.96 7.82 -11.03
C GLU C 204 -45.04 9.03 -10.90
N SER C 205 -44.32 9.38 -11.95
CA SER C 205 -43.32 10.46 -11.94
C SER C 205 -42.27 10.26 -10.84
N LYS C 206 -41.94 9.01 -10.55
CA LYS C 206 -40.93 8.65 -9.55
C LYS C 206 -39.58 8.43 -10.22
N PHE C 207 -38.56 9.11 -9.72
CA PHE C 207 -37.19 9.02 -10.20
C PHE C 207 -36.29 8.64 -9.03
N SER C 208 -35.35 7.74 -9.28
CA SER C 208 -34.53 7.14 -8.23
C SER C 208 -33.24 6.65 -8.87
N VAL C 209 -32.30 6.19 -8.04
CA VAL C 209 -31.12 5.55 -8.59
C VAL C 209 -31.55 4.41 -9.51
N ALA C 210 -32.62 3.70 -9.14
CA ALA C 210 -33.06 2.54 -9.91
C ALA C 210 -33.67 2.94 -11.27
N SER C 211 -34.38 4.07 -11.34
CA SER C 211 -34.81 4.56 -12.65
C SER C 211 -33.62 5.03 -13.49
N ASP C 212 -32.59 5.62 -12.85
CA ASP C 212 -31.33 5.91 -13.55
C ASP C 212 -30.70 4.64 -14.11
N VAL C 213 -30.84 3.52 -13.39
CA VAL C 213 -30.30 2.25 -13.85
C VAL C 213 -31.10 1.74 -15.06
N TRP C 214 -32.42 1.85 -15.02
CA TRP C 214 -33.20 1.58 -16.23
C TRP C 214 -32.68 2.38 -17.43
N SER C 215 -32.50 3.69 -17.23
CA SER C 215 -32.02 4.54 -18.33
C SER C 215 -30.63 4.10 -18.78
N PHE C 216 -29.79 3.68 -17.84
CA PHE C 216 -28.49 3.19 -18.20
C PHE C 216 -28.62 1.97 -19.11
N GLY C 217 -29.61 1.11 -18.84
CA GLY C 217 -29.86 0.02 -19.78
C GLY C 217 -30.11 0.52 -21.18
N VAL C 218 -30.92 1.58 -21.31
CA VAL C 218 -31.18 2.17 -22.63
C VAL C 218 -29.89 2.74 -23.25
N VAL C 219 -29.05 3.35 -22.42
CA VAL C 219 -27.78 3.89 -22.90
C VAL C 219 -26.93 2.77 -23.49
N LEU C 220 -26.92 1.63 -22.81
CA LEU C 220 -26.17 0.47 -23.28
C LEU C 220 -26.70 -0.01 -24.63
N TYR C 221 -28.03 -0.08 -24.75
CA TYR C 221 -28.66 -0.36 -26.03
C TYR C 221 -28.17 0.61 -27.13
N GLU C 222 -28.26 1.91 -26.85
CA GLU C 222 -27.84 2.92 -27.83
C GLU C 222 -26.42 2.64 -28.31
N LEU C 223 -25.50 2.47 -27.36
CA LEU C 223 -24.11 2.19 -27.69
C LEU C 223 -23.99 1.02 -28.65
N PHE C 224 -24.70 -0.09 -28.35
CA PHE C 224 -24.52 -1.28 -29.17
C PHE C 224 -25.31 -1.26 -30.49
N THR C 225 -26.28 -0.35 -30.66
CA THR C 225 -26.83 -0.09 -31.99
C THR C 225 -25.92 0.79 -32.86
N TYR C 226 -24.86 1.39 -32.30
CA TYR C 226 -24.00 2.36 -32.98
C TYR C 226 -24.81 3.52 -33.58
N ILE C 227 -25.95 3.83 -32.95
CA ILE C 227 -26.82 4.93 -33.32
C ILE C 227 -27.28 4.79 -34.76
N GLU C 228 -27.67 3.58 -35.16
CA GLU C 228 -28.31 3.44 -36.46
C GLU C 228 -29.70 4.05 -36.30
N LYS C 229 -30.10 4.90 -37.26
CA LYS C 229 -31.26 5.77 -37.02
C LYS C 229 -32.53 4.96 -36.83
N SER C 230 -32.75 3.96 -37.69
CA SER C 230 -33.98 3.19 -37.53
C SER C 230 -33.95 2.29 -36.30
N LYS C 231 -32.83 2.22 -35.58
CA LYS C 231 -32.76 1.34 -34.43
C LYS C 231 -32.76 2.11 -33.11
N SER C 232 -32.98 3.42 -33.16
CA SER C 232 -33.09 4.26 -31.97
C SER C 232 -34.26 3.82 -31.10
N PRO C 233 -34.16 4.04 -29.79
CA PRO C 233 -35.27 3.66 -28.90
C PRO C 233 -36.60 4.27 -29.33
N PRO C 234 -36.67 5.56 -29.71
CA PRO C 234 -37.99 6.07 -30.18
C PRO C 234 -38.53 5.34 -31.40
N ALA C 235 -37.67 5.09 -32.40
CA ALA C 235 -38.12 4.38 -33.59
C ALA C 235 -38.59 2.97 -33.23
N GLU C 236 -37.81 2.25 -32.41
CA GLU C 236 -38.16 0.88 -32.05
C GLU C 236 -39.47 0.82 -31.27
N PHE C 237 -39.62 1.67 -30.24
CA PHE C 237 -40.83 1.65 -29.43
C PHE C 237 -42.06 2.06 -30.23
N MET C 238 -41.93 3.09 -31.09
CA MET C 238 -43.05 3.50 -31.92
C MET C 238 -43.44 2.40 -32.90
N ARG C 239 -42.46 1.66 -33.41
CA ARG C 239 -42.80 0.50 -34.22
C ARG C 239 -43.46 -0.62 -33.44
N MET C 240 -43.09 -0.83 -32.15
CA MET C 240 -43.72 -1.94 -31.44
C MET C 240 -45.13 -1.57 -30.98
N ILE C 241 -45.37 -0.31 -30.71
CA ILE C 241 -46.73 0.13 -30.34
C ILE C 241 -47.55 0.56 -31.54
N GLY C 242 -46.92 0.66 -32.72
CA GLY C 242 -47.69 1.08 -33.89
C GLY C 242 -47.63 2.56 -34.14
N ASN C 243 -47.26 2.95 -35.36
CA ASN C 243 -47.15 4.36 -35.71
C ASN C 243 -48.50 5.09 -35.82
N ASP C 244 -49.63 4.40 -35.63
CA ASP C 244 -50.95 5.04 -35.60
C ASP C 244 -51.09 6.00 -34.42
N LYS C 245 -50.30 5.77 -33.37
CA LYS C 245 -50.48 6.38 -32.07
C LYS C 245 -50.20 7.90 -32.09
N GLN C 246 -50.49 8.49 -30.94
CA GLN C 246 -51.52 9.50 -30.80
C GLN C 246 -51.23 10.51 -29.68
N GLY C 247 -50.13 11.24 -29.72
CA GLY C 247 -49.96 12.24 -28.67
C GLY C 247 -49.88 11.59 -27.30
N GLN C 248 -50.80 11.96 -26.40
CA GLN C 248 -50.73 11.43 -25.04
C GLN C 248 -50.97 9.93 -25.07
N MET C 249 -51.75 9.46 -26.03
CA MET C 249 -51.93 8.03 -26.20
C MET C 249 -50.61 7.30 -26.27
N ILE C 250 -49.61 7.91 -26.91
CA ILE C 250 -48.29 7.30 -27.04
C ILE C 250 -47.86 6.78 -25.68
N VAL C 251 -47.84 7.67 -24.68
CA VAL C 251 -47.35 7.29 -23.37
C VAL C 251 -48.16 6.09 -22.85
N PHE C 252 -49.47 6.12 -23.04
CA PHE C 252 -50.31 5.04 -22.53
C PHE C 252 -49.85 3.69 -23.07
N HIS C 253 -49.68 3.60 -24.39
CA HIS C 253 -49.29 2.32 -24.97
C HIS C 253 -47.88 1.94 -24.54
N LEU C 254 -46.97 2.92 -24.45
CA LEU C 254 -45.65 2.60 -23.95
C LEU C 254 -45.78 1.89 -22.60
N ILE C 255 -46.61 2.46 -21.71
CA ILE C 255 -46.81 1.89 -20.39
C ILE C 255 -47.29 0.44 -20.52
N GLU C 256 -48.32 0.22 -21.34
CA GLU C 256 -48.81 -1.15 -21.48
C GLU C 256 -47.79 -2.06 -22.13
N LEU C 257 -47.02 -1.56 -23.09
CA LEU C 257 -46.01 -2.42 -23.70
C LEU C 257 -44.97 -2.82 -22.67
N LEU C 258 -44.53 -1.86 -21.83
CA LEU C 258 -43.50 -2.20 -20.85
C LEU C 258 -44.10 -3.11 -19.79
N LYS C 259 -45.41 -2.97 -19.59
CA LYS C 259 -46.08 -3.70 -18.52
C LYS C 259 -46.20 -5.17 -18.88
N ASN C 260 -46.29 -5.50 -20.17
CA ASN C 260 -46.31 -6.88 -20.63
C ASN C 260 -44.93 -7.38 -21.01
N ASN C 261 -43.89 -6.76 -20.47
CA ASN C 261 -42.49 -7.14 -20.70
C ASN C 261 -42.08 -7.02 -22.17
N GLY C 262 -42.73 -6.14 -22.92
CA GLY C 262 -42.17 -5.72 -24.19
C GLY C 262 -40.88 -4.94 -23.96
N ARG C 263 -39.86 -5.22 -24.76
CA ARG C 263 -38.55 -4.64 -24.57
C ARG C 263 -37.90 -4.36 -25.92
N LEU C 264 -36.94 -3.44 -25.90
CA LEU C 264 -36.13 -3.19 -27.08
C LEU C 264 -35.37 -4.46 -27.46
N PRO C 265 -35.19 -4.74 -28.74
CA PRO C 265 -34.54 -5.99 -29.17
C PRO C 265 -33.04 -5.94 -28.95
N ARG C 266 -32.42 -7.11 -29.00
CA ARG C 266 -30.97 -7.18 -28.97
C ARG C 266 -30.41 -6.51 -30.22
N PRO C 267 -29.51 -5.53 -30.10
CA PRO C 267 -28.92 -4.90 -31.29
C PRO C 267 -28.07 -5.87 -32.09
N ASP C 268 -27.95 -5.58 -33.38
CA ASP C 268 -27.17 -6.42 -34.28
C ASP C 268 -25.73 -6.56 -33.77
N GLY C 269 -25.27 -7.80 -33.65
CA GLY C 269 -23.93 -8.11 -33.17
C GLY C 269 -23.70 -8.00 -31.67
N CYS C 270 -24.70 -7.63 -30.91
CA CYS C 270 -24.53 -7.54 -29.47
C CYS C 270 -24.49 -8.96 -28.88
N PRO C 271 -23.46 -9.30 -28.09
CA PRO C 271 -23.48 -10.64 -27.43
C PRO C 271 -24.62 -10.79 -26.43
N ASP C 272 -24.99 -12.05 -26.16
CA ASP C 272 -26.15 -12.31 -25.31
C ASP C 272 -25.93 -11.82 -23.89
N GLU C 273 -24.68 -11.84 -23.45
CA GLU C 273 -24.32 -11.45 -22.10
C GLU C 273 -24.44 -9.93 -21.85
N ILE C 274 -24.18 -9.14 -22.88
CA ILE C 274 -24.42 -7.69 -22.78
C ILE C 274 -25.91 -7.40 -22.82
N TYR C 275 -26.63 -8.07 -23.71
CA TYR C 275 -28.08 -7.91 -23.73
C TYR C 275 -28.69 -8.38 -22.40
N MET C 276 -28.04 -9.32 -21.71
CA MET C 276 -28.53 -9.73 -20.41
C MET C 276 -28.38 -8.61 -19.40
N ILE C 277 -27.25 -7.89 -19.45
CA ILE C 277 -27.13 -6.70 -18.62
C ILE C 277 -28.25 -5.70 -18.91
N MET C 278 -28.53 -5.48 -20.19
CA MET C 278 -29.60 -4.54 -20.56
C MET C 278 -30.94 -4.96 -19.97
N THR C 279 -31.31 -6.25 -20.15
CA THR C 279 -32.62 -6.68 -19.70
C THR C 279 -32.72 -6.73 -18.17
N GLU C 280 -31.60 -6.94 -17.48
CA GLU C 280 -31.61 -6.89 -16.02
C GLU C 280 -31.81 -5.46 -15.54
N CYS C 281 -31.31 -4.48 -16.30
CA CYS C 281 -31.60 -3.09 -15.97
C CYS C 281 -33.05 -2.73 -16.28
N TRP C 282 -33.71 -3.46 -17.19
CA TRP C 282 -35.10 -3.18 -17.54
C TRP C 282 -36.06 -4.04 -16.73
N ASN C 283 -35.81 -4.20 -15.44
CA ASN C 283 -36.74 -4.92 -14.59
C ASN C 283 -37.90 -4.01 -14.19
N ASN C 284 -39.12 -4.50 -14.41
CA ASN C 284 -40.31 -3.83 -13.89
C ASN C 284 -40.22 -3.63 -12.38
N ASN C 285 -39.65 -4.60 -11.66
CA ASN C 285 -39.55 -4.50 -10.20
C ASN C 285 -38.39 -3.56 -9.91
N VAL C 286 -38.72 -2.40 -9.32
CA VAL C 286 -37.72 -1.35 -9.18
C VAL C 286 -36.56 -1.83 -8.31
N ASN C 287 -36.83 -2.69 -7.32
CA ASN C 287 -35.81 -3.12 -6.36
C ASN C 287 -34.89 -4.21 -6.87
N GLN C 288 -35.22 -4.86 -8.00
CA GLN C 288 -34.39 -5.94 -8.52
C GLN C 288 -33.43 -5.48 -9.63
N ARG C 289 -33.33 -4.18 -9.87
CA ARG C 289 -32.36 -3.73 -10.85
C ARG C 289 -30.98 -3.69 -10.20
N PRO C 290 -29.92 -4.01 -10.95
CA PRO C 290 -28.57 -4.03 -10.37
C PRO C 290 -28.14 -2.64 -9.89
N SER C 291 -27.19 -2.64 -8.96
CA SER C 291 -26.53 -1.41 -8.57
C SER C 291 -25.51 -0.98 -9.65
N PHE C 292 -25.12 0.30 -9.62
CA PHE C 292 -24.12 0.77 -10.57
C PHE C 292 -22.75 0.14 -10.30
N ARG C 293 -22.43 -0.13 -9.03
CA ARG C 293 -21.19 -0.83 -8.71
C ARG C 293 -21.17 -2.24 -9.31
N ASP C 294 -22.26 -2.98 -9.15
CA ASP C 294 -22.34 -4.32 -9.74
C ASP C 294 -22.26 -4.25 -11.27
N LEU C 295 -22.90 -3.23 -11.87
CA LEU C 295 -22.83 -3.08 -13.33
C LEU C 295 -21.37 -2.89 -13.78
N ALA C 296 -20.65 -2.00 -13.09
CA ALA C 296 -19.25 -1.75 -13.42
C ALA C 296 -18.40 -3.02 -13.27
N LEU C 297 -18.63 -3.78 -12.18
CA LEU C 297 -17.88 -5.02 -11.98
C LEU C 297 -18.13 -6.00 -13.12
N ARG C 298 -19.40 -6.18 -13.48
CA ARG C 298 -19.73 -7.12 -14.53
C ARG C 298 -19.17 -6.69 -15.90
N VAL C 299 -19.27 -5.39 -16.21
CA VAL C 299 -18.76 -4.89 -17.49
C VAL C 299 -17.26 -5.01 -17.55
N ASP C 300 -16.58 -4.69 -16.45
CA ASP C 300 -15.13 -4.82 -16.38
C ASP C 300 -14.70 -6.26 -16.50
N GLN C 301 -15.48 -7.20 -15.97
CA GLN C 301 -15.08 -8.59 -16.09
C GLN C 301 -15.25 -9.07 -17.53
N ILE C 302 -16.32 -8.65 -18.19
CA ILE C 302 -16.48 -9.00 -19.60
C ILE C 302 -15.35 -8.40 -20.44
N ARG C 303 -14.98 -7.15 -20.18
CA ARG C 303 -13.88 -6.54 -20.92
C ARG C 303 -12.59 -7.30 -20.71
N ASP C 304 -12.31 -7.72 -19.46
CA ASP C 304 -11.11 -8.51 -19.19
C ASP C 304 -11.14 -9.85 -19.94
N ASN C 305 -12.31 -10.48 -20.00
CA ASN C 305 -12.47 -11.70 -20.78
C ASN C 305 -12.14 -11.46 -22.24
N MET C 306 -12.61 -10.35 -22.79
CA MET C 306 -12.45 -10.12 -24.22
C MET C 306 -11.01 -9.84 -24.59
N ALA C 307 -10.22 -9.29 -23.67
CA ALA C 307 -8.82 -8.95 -23.95
C ALA C 307 -7.89 -10.14 -23.68
N LEU D 11 -48.47 -38.54 -0.52
CA LEU D 11 -48.56 -38.09 0.87
C LEU D 11 -47.40 -37.16 1.22
N TYR D 12 -46.19 -37.60 0.90
CA TYR D 12 -44.98 -36.89 1.27
C TYR D 12 -44.59 -35.89 0.18
N PHE D 13 -44.42 -34.64 0.58
CA PHE D 13 -44.00 -33.55 -0.29
C PHE D 13 -42.56 -33.20 0.05
N GLN D 14 -41.77 -32.82 -0.98
CA GLN D 14 -40.35 -32.77 -0.73
C GLN D 14 -39.84 -31.38 -0.33
N GLY D 15 -40.54 -30.30 -0.71
CA GLY D 15 -40.28 -28.97 -0.20
C GLY D 15 -38.85 -28.49 -0.41
N ASP D 16 -38.49 -27.45 0.36
CA ASP D 16 -37.18 -26.84 0.23
C ASP D 16 -36.70 -26.31 1.58
N PRO D 17 -35.38 -26.39 1.86
CA PRO D 17 -34.78 -26.11 3.19
C PRO D 17 -34.58 -24.65 3.61
N THR D 18 -35.67 -24.01 4.05
CA THR D 18 -35.71 -22.55 4.29
C THR D 18 -35.24 -21.80 3.04
N GLN D 19 -35.82 -22.15 1.91
CA GLN D 19 -35.52 -21.48 0.65
C GLN D 19 -36.76 -20.68 0.29
N PHE D 20 -36.59 -19.37 0.24
CA PHE D 20 -37.64 -18.51 -0.29
C PHE D 20 -37.39 -18.39 -1.79
N GLU D 21 -38.48 -18.28 -2.54
CA GLU D 21 -38.34 -18.14 -3.98
C GLU D 21 -38.71 -16.72 -4.34
N GLU D 22 -37.90 -16.10 -5.19
CA GLU D 22 -37.96 -14.64 -5.36
C GLU D 22 -39.24 -14.21 -6.02
N ARG D 23 -39.86 -15.08 -6.82
CA ARG D 23 -41.09 -14.69 -7.50
C ARG D 23 -42.26 -14.49 -6.54
N HIS D 24 -42.12 -14.94 -5.29
CA HIS D 24 -43.13 -14.67 -4.27
C HIS D 24 -42.79 -13.49 -3.38
N LEU D 25 -41.57 -12.95 -3.46
CA LEU D 25 -41.18 -11.82 -2.62
C LEU D 25 -41.69 -10.53 -3.26
N LYS D 26 -42.60 -9.86 -2.55
CA LYS D 26 -43.20 -8.62 -3.03
C LYS D 26 -42.56 -7.47 -2.27
N PHE D 27 -41.81 -6.64 -2.99
CA PHE D 27 -41.11 -5.52 -2.38
C PHE D 27 -42.11 -4.52 -1.80
N LEU D 28 -41.83 -4.05 -0.58
CA LEU D 28 -42.66 -3.02 0.04
C LEU D 28 -41.92 -1.72 0.23
N GLN D 29 -40.71 -1.73 0.80
CA GLN D 29 -39.95 -0.48 0.92
C GLN D 29 -38.54 -0.80 1.40
N GLN D 30 -37.68 0.21 1.39
CA GLN D 30 -36.35 0.05 1.98
C GLN D 30 -36.39 0.31 3.48
N LEU D 31 -35.67 -0.51 4.23
CA LEU D 31 -35.56 -0.36 5.68
C LEU D 31 -34.22 0.20 6.12
N GLY D 32 -33.14 -0.12 5.39
CA GLY D 32 -31.86 0.38 5.81
C GLY D 32 -30.83 0.14 4.73
N LYS D 33 -29.79 0.97 4.69
CA LYS D 33 -28.74 0.86 3.70
C LYS D 33 -27.39 1.00 4.37
N GLY D 34 -26.51 0.03 4.18
CA GLY D 34 -25.12 0.16 4.61
C GLY D 34 -24.21 0.63 3.49
N ASN D 35 -22.93 0.29 3.58
CA ASN D 35 -21.98 0.72 2.55
C ASN D 35 -21.91 -0.26 1.40
N PHE D 36 -22.20 -1.52 1.63
CA PHE D 36 -22.13 -2.54 0.61
C PHE D 36 -23.38 -3.39 0.56
N GLY D 37 -24.37 -3.10 1.40
CA GLY D 37 -25.58 -3.89 1.45
C GLY D 37 -26.75 -3.03 1.88
N SER D 38 -27.94 -3.60 1.70
CA SER D 38 -29.16 -2.92 2.14
C SER D 38 -30.21 -3.95 2.55
N VAL D 39 -31.19 -3.48 3.33
CA VAL D 39 -32.26 -4.31 3.84
C VAL D 39 -33.59 -3.72 3.37
N GLU D 40 -34.44 -4.58 2.80
CA GLU D 40 -35.75 -4.24 2.28
C GLU D 40 -36.84 -4.96 3.05
N MET D 41 -37.93 -4.27 3.33
CA MET D 41 -39.16 -4.89 3.82
C MET D 41 -39.93 -5.44 2.63
N CYS D 42 -40.24 -6.74 2.68
CA CYS D 42 -41.00 -7.44 1.64
C CYS D 42 -42.10 -8.30 2.24
N ARG D 43 -43.05 -8.68 1.40
CA ARG D 43 -44.05 -9.68 1.74
C ARG D 43 -43.80 -10.95 0.95
N TYR D 44 -43.63 -12.06 1.65
CA TYR D 44 -43.63 -13.38 1.04
C TYR D 44 -45.08 -13.77 0.87
N ASP D 45 -45.57 -13.66 -0.35
CA ASP D 45 -47.00 -13.73 -0.64
C ASP D 45 -47.24 -14.62 -1.86
N PRO D 46 -47.01 -15.93 -1.71
CA PRO D 46 -47.24 -16.83 -2.86
C PRO D 46 -48.69 -16.92 -3.29
N LEU D 47 -49.66 -16.78 -2.38
CA LEU D 47 -51.06 -16.80 -2.79
C LEU D 47 -51.52 -15.48 -3.42
N GLN D 48 -50.70 -14.43 -3.35
CA GLN D 48 -50.98 -13.15 -3.99
C GLN D 48 -52.30 -12.53 -3.53
N ASP D 49 -52.74 -12.82 -2.31
CA ASP D 49 -53.90 -12.16 -1.72
C ASP D 49 -53.49 -11.36 -0.50
N ASN D 50 -52.19 -11.09 -0.37
CA ASN D 50 -51.62 -10.28 0.72
C ASN D 50 -51.82 -10.91 2.09
N THR D 51 -51.88 -12.23 2.14
CA THR D 51 -51.87 -12.96 3.41
C THR D 51 -50.48 -13.43 3.81
N GLY D 52 -49.52 -13.42 2.86
CA GLY D 52 -48.19 -13.90 3.16
C GLY D 52 -47.51 -13.00 4.16
N GLU D 53 -46.40 -13.44 4.71
CA GLU D 53 -45.84 -12.62 5.78
C GLU D 53 -44.70 -11.69 5.42
N VAL D 54 -44.67 -10.56 6.12
CA VAL D 54 -43.67 -9.52 5.94
C VAL D 54 -42.35 -9.98 6.58
N VAL D 55 -41.28 -9.95 5.79
CA VAL D 55 -39.96 -10.36 6.22
C VAL D 55 -39.00 -9.24 5.82
N ALA D 56 -37.79 -9.31 6.38
CA ALA D 56 -36.71 -8.41 6.01
C ALA D 56 -35.73 -9.16 5.13
N VAL D 57 -35.24 -8.50 4.09
CA VAL D 57 -34.39 -9.13 3.09
C VAL D 57 -33.12 -8.30 2.95
N LYS D 58 -31.97 -8.90 3.23
CA LYS D 58 -30.68 -8.24 3.09
C LYS D 58 -30.01 -8.70 1.80
N LYS D 59 -29.44 -7.74 1.08
CA LYS D 59 -28.73 -8.04 -0.16
C LYS D 59 -27.49 -7.17 -0.28
N LEU D 60 -26.53 -7.64 -1.09
CA LEU D 60 -25.33 -6.88 -1.38
C LEU D 60 -25.57 -5.91 -2.52
N GLN D 61 -24.96 -4.75 -2.43
CA GLN D 61 -24.92 -3.79 -3.52
C GLN D 61 -23.62 -3.86 -4.31
N HIS D 62 -22.61 -4.53 -3.77
CA HIS D 62 -21.28 -4.56 -4.37
C HIS D 62 -20.75 -5.98 -4.25
N SER D 63 -21.05 -6.81 -5.25
CA SER D 63 -20.87 -8.25 -5.13
C SER D 63 -19.50 -8.67 -5.68
N THR D 64 -18.44 -8.11 -5.08
CA THR D 64 -17.12 -8.65 -5.33
C THR D 64 -17.01 -10.02 -4.67
N GLU D 65 -15.95 -10.75 -5.02
CA GLU D 65 -15.80 -12.09 -4.47
C GLU D 65 -15.57 -12.05 -2.97
N GLU D 66 -14.85 -11.03 -2.51
CA GLU D 66 -14.60 -10.85 -1.08
C GLU D 66 -15.89 -10.57 -0.33
N HIS D 67 -16.71 -9.64 -0.84
CA HIS D 67 -17.98 -9.33 -0.20
C HIS D 67 -18.94 -10.51 -0.26
N LEU D 68 -18.88 -11.32 -1.32
CA LEU D 68 -19.79 -12.46 -1.42
C LEU D 68 -19.43 -13.55 -0.41
N ARG D 69 -18.11 -13.79 -0.22
CA ARG D 69 -17.69 -14.73 0.82
C ARG D 69 -18.04 -14.22 2.21
N ASP D 70 -17.84 -12.91 2.46
CA ASP D 70 -18.22 -12.31 3.72
C ASP D 70 -19.71 -12.48 3.99
N PHE D 71 -20.53 -12.28 2.96
CA PHE D 71 -21.97 -12.39 3.12
C PHE D 71 -22.38 -13.83 3.38
N GLU D 72 -21.71 -14.79 2.73
CA GLU D 72 -22.03 -16.19 3.02
C GLU D 72 -21.67 -16.54 4.46
N ARG D 73 -20.52 -16.05 4.93
CA ARG D 73 -20.14 -16.26 6.32
C ARG D 73 -21.12 -15.58 7.28
N GLU D 74 -21.59 -14.37 6.91
CA GLU D 74 -22.56 -13.67 7.74
C GLU D 74 -23.85 -14.45 7.85
N ILE D 75 -24.30 -15.03 6.74
CA ILE D 75 -25.53 -15.83 6.75
C ILE D 75 -25.37 -17.04 7.66
N GLU D 76 -24.21 -17.72 7.57
CA GLU D 76 -23.97 -18.87 8.44
C GLU D 76 -23.94 -18.47 9.90
N ILE D 77 -23.30 -17.33 10.20
CA ILE D 77 -23.27 -16.82 11.56
C ILE D 77 -24.68 -16.61 12.09
N LEU D 78 -25.51 -15.87 11.34
CA LEU D 78 -26.86 -15.58 11.82
C LEU D 78 -27.66 -16.86 12.02
N LYS D 79 -27.55 -17.79 11.07
CA LYS D 79 -28.31 -19.03 11.17
C LYS D 79 -28.00 -19.80 12.46
N SER D 80 -26.77 -19.67 12.96
CA SER D 80 -26.29 -20.37 14.13
C SER D 80 -26.69 -19.69 15.44
N LEU D 81 -27.39 -18.56 15.40
CA LEU D 81 -27.75 -17.81 16.59
C LEU D 81 -29.24 -17.96 16.85
N GLN D 82 -29.60 -18.35 18.07
CA GLN D 82 -31.00 -18.40 18.51
C GLN D 82 -31.07 -17.78 19.89
N HIS D 83 -31.64 -16.58 19.99
CA HIS D 83 -31.68 -15.82 21.23
C HIS D 83 -32.72 -14.71 21.10
N ASP D 84 -33.40 -14.42 22.21
CA ASP D 84 -34.49 -13.44 22.19
C ASP D 84 -34.03 -12.05 21.77
N ASN D 85 -32.75 -11.73 21.96
CA ASN D 85 -32.23 -10.41 21.64
C ASN D 85 -31.30 -10.45 20.43
N ILE D 86 -31.50 -11.43 19.56
CA ILE D 86 -30.81 -11.49 18.28
C ILE D 86 -31.84 -11.72 17.19
N VAL D 87 -31.80 -10.88 16.15
CA VAL D 87 -32.80 -10.92 15.08
C VAL D 87 -32.81 -12.31 14.45
N LYS D 88 -33.99 -12.79 14.11
CA LYS D 88 -34.19 -14.19 13.75
C LYS D 88 -33.92 -14.45 12.27
N TYR D 89 -33.06 -15.42 12.01
CA TYR D 89 -32.86 -15.94 10.68
C TYR D 89 -34.09 -16.72 10.22
N LYS D 90 -34.55 -16.49 8.98
CA LYS D 90 -35.62 -17.28 8.38
C LYS D 90 -35.18 -18.11 7.18
N GLY D 91 -34.25 -17.63 6.37
CA GLY D 91 -33.78 -18.41 5.25
C GLY D 91 -32.97 -17.57 4.28
N VAL D 92 -32.74 -18.15 3.11
CA VAL D 92 -32.00 -17.47 2.05
C VAL D 92 -32.78 -17.57 0.76
N CYS D 93 -32.49 -16.65 -0.15
CA CYS D 93 -33.14 -16.62 -1.44
C CYS D 93 -32.07 -16.41 -2.50
N TYR D 94 -31.98 -17.33 -3.44
CA TYR D 94 -31.05 -17.23 -4.55
C TYR D 94 -31.74 -17.75 -5.81
N SER D 95 -31.36 -17.20 -6.95
CA SER D 95 -31.78 -17.86 -8.18
C SER D 95 -30.62 -18.73 -8.69
N GLY D 97 -27.29 -20.12 -10.63
CA GLY D 97 -26.72 -20.73 -9.43
C GLY D 97 -26.01 -19.68 -8.60
N ARG D 98 -26.52 -19.47 -7.39
CA ARG D 98 -26.07 -18.42 -6.47
C ARG D 98 -26.31 -17.04 -7.01
N ARG D 99 -27.28 -16.97 -7.91
CA ARG D 99 -27.80 -15.72 -8.40
C ARG D 99 -28.22 -14.88 -7.20
N ASN D 100 -27.96 -13.59 -7.29
CA ASN D 100 -28.02 -12.57 -6.23
C ASN D 100 -28.59 -13.12 -4.92
N LEU D 101 -27.71 -13.82 -4.18
CA LEU D 101 -28.07 -14.42 -2.91
C LEU D 101 -28.57 -13.36 -1.92
N LYS D 102 -29.68 -13.66 -1.25
CA LYS D 102 -30.36 -12.73 -0.35
C LYS D 102 -30.70 -13.44 0.95
N LEU D 103 -30.55 -12.73 2.07
CA LEU D 103 -30.77 -13.28 3.40
C LEU D 103 -32.12 -12.84 3.93
N ILE D 104 -32.95 -13.80 4.35
CA ILE D 104 -34.30 -13.55 4.85
C ILE D 104 -34.30 -13.59 6.39
N MET D 105 -34.83 -12.55 7.00
CA MET D 105 -34.86 -12.39 8.44
C MET D 105 -36.26 -11.97 8.87
N GLU D 106 -36.56 -12.13 10.16
CA GLU D 106 -37.80 -11.59 10.72
C GLU D 106 -37.81 -10.07 10.61
N TYR D 107 -38.99 -9.53 10.41
CA TYR D 107 -39.18 -8.09 10.31
C TYR D 107 -39.51 -7.51 11.69
N LEU D 108 -38.73 -6.50 12.12
CA LEU D 108 -39.02 -5.76 13.35
C LEU D 108 -39.58 -4.39 13.00
N PRO D 109 -40.76 -4.03 13.52
CA PRO D 109 -41.50 -2.89 12.97
C PRO D 109 -41.12 -1.51 13.46
N TYR D 110 -40.31 -1.36 14.50
CA TYR D 110 -40.10 -0.03 15.08
C TYR D 110 -38.73 0.57 14.77
N GLY D 111 -37.97 -0.03 13.85
CA GLY D 111 -36.74 0.56 13.37
C GLY D 111 -35.58 0.43 14.35
N SER D 112 -34.54 1.21 14.08
CA SER D 112 -33.35 1.13 14.90
C SER D 112 -33.58 1.82 16.25
N LEU D 113 -32.86 1.35 17.26
CA LEU D 113 -32.96 1.96 18.58
C LEU D 113 -32.48 3.40 18.55
N ARG D 114 -31.53 3.72 17.65
CA ARG D 114 -31.11 5.11 17.51
C ARG D 114 -32.31 6.01 17.21
N ASP D 115 -33.05 5.69 16.15
CA ASP D 115 -34.19 6.51 15.77
C ASP D 115 -35.32 6.42 16.79
N TYR D 116 -35.62 5.21 17.26
CA TYR D 116 -36.70 5.01 18.22
C TYR D 116 -36.48 5.86 19.46
N LEU D 117 -35.26 5.80 20.01
CA LEU D 117 -34.96 6.56 21.20
C LEU D 117 -35.10 8.05 20.94
N GLN D 118 -34.69 8.49 19.74
CA GLN D 118 -34.90 9.90 19.39
C GLN D 118 -36.39 10.28 19.41
N LYS D 119 -37.26 9.41 18.87
CA LYS D 119 -38.67 9.80 18.76
C LYS D 119 -39.43 9.68 20.08
N HIS D 120 -38.93 8.89 21.04
CA HIS D 120 -39.68 8.63 22.26
C HIS D 120 -38.92 9.05 23.51
N LYS D 121 -38.05 10.07 23.38
CA LYS D 121 -37.27 10.53 24.53
C LYS D 121 -38.14 10.83 25.76
N GLU D 122 -39.36 11.35 25.57
CA GLU D 122 -40.16 11.81 26.70
C GLU D 122 -40.84 10.68 27.48
N ARG D 123 -40.98 9.49 26.92
CA ARG D 123 -41.55 8.39 27.67
C ARG D 123 -40.55 7.29 28.00
N ILE D 124 -39.26 7.51 27.76
CA ILE D 124 -38.22 6.52 28.09
C ILE D 124 -37.39 7.07 29.24
N ASP D 125 -37.57 6.52 30.44
CA ASP D 125 -36.80 6.98 31.58
C ASP D 125 -35.59 6.07 31.77
N HIS D 126 -34.82 6.34 32.83
CA HIS D 126 -33.53 5.68 32.99
C HIS D 126 -33.68 4.17 33.18
N ILE D 127 -34.72 3.74 33.92
CA ILE D 127 -34.92 2.30 34.12
C ILE D 127 -35.32 1.61 32.82
N LYS D 128 -36.06 2.28 31.93
CA LYS D 128 -36.33 1.71 30.61
C LYS D 128 -35.05 1.61 29.77
N LEU D 129 -34.19 2.64 29.83
CA LEU D 129 -32.87 2.56 29.19
C LEU D 129 -32.09 1.35 29.74
N LEU D 130 -32.21 1.08 31.05
CA LEU D 130 -31.48 -0.05 31.61
C LEU D 130 -32.10 -1.38 31.24
N GLN D 131 -33.42 -1.43 31.01
CA GLN D 131 -34.03 -2.63 30.45
C GLN D 131 -33.42 -2.97 29.08
N TYR D 132 -33.37 -1.98 28.18
CA TYR D 132 -32.74 -2.22 26.88
C TYR D 132 -31.29 -2.62 27.04
N THR D 133 -30.55 -1.92 27.92
CA THR D 133 -29.14 -2.19 28.13
C THR D 133 -28.90 -3.64 28.53
N SER D 134 -29.68 -4.10 29.50
CA SER D 134 -29.59 -5.47 29.97
C SER D 134 -29.84 -6.45 28.83
N GLN D 135 -30.86 -6.19 27.99
CA GLN D 135 -31.10 -7.12 26.88
C GLN D 135 -29.90 -7.15 25.93
N ILE D 136 -29.28 -6.00 25.66
CA ILE D 136 -28.11 -5.97 24.79
C ILE D 136 -26.96 -6.75 25.42
N CYS D 137 -26.79 -6.63 26.75
CA CYS D 137 -25.69 -7.39 27.37
C CYS D 137 -25.96 -8.88 27.29
N LYS D 138 -27.21 -9.30 27.33
CA LYS D 138 -27.49 -10.73 27.26
C LYS D 138 -27.29 -11.27 25.84
N GLY D 139 -27.68 -10.49 24.83
CA GLY D 139 -27.36 -10.88 23.47
C GLY D 139 -25.86 -11.01 23.24
N MET D 140 -25.08 -10.08 23.78
CA MET D 140 -23.64 -10.09 23.58
C MET D 140 -22.97 -11.22 24.36
N GLU D 141 -23.46 -11.54 25.56
CA GLU D 141 -22.89 -12.67 26.29
C GLU D 141 -23.18 -13.98 25.58
N TYR D 142 -24.36 -14.11 24.96
CA TYR D 142 -24.62 -15.28 24.12
C TYR D 142 -23.65 -15.33 22.92
N LEU D 143 -23.48 -14.19 22.21
CA LEU D 143 -22.50 -14.13 21.14
C LEU D 143 -21.13 -14.62 21.59
N GLY D 144 -20.68 -14.15 22.76
CA GLY D 144 -19.39 -14.56 23.27
C GLY D 144 -19.30 -16.06 23.51
N THR D 145 -20.39 -16.68 23.99
CA THR D 145 -20.35 -18.15 24.12
C THR D 145 -20.17 -18.83 22.76
N LYS D 146 -20.57 -18.17 21.66
CA LYS D 146 -20.23 -18.76 20.34
C LYS D 146 -18.85 -18.34 19.82
N ARG D 147 -18.07 -17.57 20.59
CA ARG D 147 -16.76 -17.05 20.16
C ARG D 147 -16.87 -16.22 18.87
N TYR D 148 -17.98 -15.52 18.72
CA TYR D 148 -18.19 -14.52 17.67
C TYR D 148 -17.90 -13.13 18.23
N ILE D 149 -17.20 -12.32 17.44
CA ILE D 149 -16.91 -10.93 17.76
C ILE D 149 -17.72 -10.03 16.83
N HIS D 150 -18.57 -9.16 17.39
CA HIS D 150 -19.51 -8.40 16.58
C HIS D 150 -18.83 -7.31 15.74
N ARG D 151 -17.93 -6.53 16.37
CA ARG D 151 -17.11 -5.50 15.73
C ARG D 151 -17.88 -4.23 15.33
N ASP D 152 -19.20 -4.19 15.46
CA ASP D 152 -19.94 -2.99 15.07
C ASP D 152 -21.10 -2.72 16.02
N LEU D 153 -20.86 -2.82 17.32
CA LEU D 153 -21.92 -2.56 18.28
C LEU D 153 -22.19 -1.06 18.36
N ALA D 154 -23.42 -0.66 18.08
CA ALA D 154 -23.83 0.73 18.06
C ALA D 154 -25.35 0.76 18.04
N THR D 155 -25.93 1.86 18.52
CA THR D 155 -27.39 1.88 18.56
C THR D 155 -28.00 1.80 17.17
N ARG D 156 -27.30 2.26 16.12
CA ARG D 156 -27.83 2.14 14.77
C ARG D 156 -27.98 0.68 14.33
N ASN D 157 -27.29 -0.26 14.99
CA ASN D 157 -27.39 -1.67 14.68
C ASN D 157 -28.21 -2.44 15.71
N ILE D 158 -29.00 -1.75 16.54
CA ILE D 158 -29.97 -2.38 17.44
C ILE D 158 -31.36 -2.04 16.93
N LEU D 159 -32.23 -3.04 16.87
CA LEU D 159 -33.57 -2.92 16.37
C LEU D 159 -34.58 -3.02 17.51
N VAL D 160 -35.72 -2.35 17.34
CA VAL D 160 -36.77 -2.31 18.35
C VAL D 160 -37.92 -3.19 17.88
N GLU D 161 -38.18 -4.28 18.60
CA GLU D 161 -39.37 -5.09 18.26
C GLU D 161 -40.64 -4.52 18.86
N ASN D 162 -40.61 -4.11 20.13
CA ASN D 162 -41.68 -3.34 20.75
C ASN D 162 -41.05 -2.53 21.87
N GLU D 163 -41.86 -1.72 22.57
CA GLU D 163 -41.32 -0.86 23.61
C GLU D 163 -40.61 -1.62 24.73
N ASN D 164 -40.73 -2.94 24.80
CA ASN D 164 -40.11 -3.71 25.88
C ASN D 164 -39.01 -4.64 25.39
N ARG D 165 -38.70 -4.64 24.09
CA ARG D 165 -37.69 -5.54 23.58
C ARG D 165 -36.92 -4.97 22.38
N VAL D 166 -35.60 -5.06 22.47
CA VAL D 166 -34.69 -4.75 21.39
C VAL D 166 -33.89 -6.00 21.04
N LYS D 167 -33.33 -6.01 19.83
CA LYS D 167 -32.57 -7.14 19.30
C LYS D 167 -31.34 -6.63 18.57
N ILE D 168 -30.22 -7.32 18.73
CA ILE D 168 -29.08 -6.98 17.89
C ILE D 168 -29.41 -7.35 16.45
N GLY D 169 -29.24 -6.39 15.53
CA GLY D 169 -29.93 -6.45 14.25
C GLY D 169 -29.10 -6.61 12.99
N ASP D 170 -27.78 -6.49 13.10
CA ASP D 170 -26.93 -6.60 11.92
C ASP D 170 -25.60 -7.23 12.32
N PHE D 171 -25.10 -8.11 11.46
CA PHE D 171 -23.87 -8.85 11.76
C PHE D 171 -22.88 -8.79 10.61
N GLY D 172 -22.92 -7.71 9.81
CA GLY D 172 -22.07 -7.65 8.62
C GLY D 172 -20.59 -7.64 8.90
N LEU D 173 -20.18 -7.16 10.07
CA LEU D 173 -18.76 -7.11 10.41
C LEU D 173 -18.34 -8.21 11.39
N THR D 174 -19.23 -9.15 11.71
CA THR D 174 -18.95 -10.13 12.76
C THR D 174 -17.97 -11.19 12.27
N LYS D 175 -17.00 -11.56 13.13
CA LYS D 175 -15.97 -12.56 12.83
C LYS D 175 -15.95 -13.65 13.91
N VAL D 176 -15.51 -14.85 13.52
CA VAL D 176 -15.31 -15.97 14.45
C VAL D 176 -13.87 -15.95 14.96
N LEU D 177 -13.71 -16.17 16.26
CA LEU D 177 -12.36 -16.23 16.80
C LEU D 177 -11.63 -17.47 16.25
N PRO D 178 -10.32 -17.38 15.99
CA PRO D 178 -9.53 -18.58 15.79
C PRO D 178 -9.49 -19.37 17.10
N GLN D 179 -9.30 -20.68 16.99
CA GLN D 179 -9.17 -21.50 18.21
C GLN D 179 -7.98 -21.10 19.08
N ASP D 180 -6.80 -20.88 18.49
CA ASP D 180 -5.57 -20.69 19.26
C ASP D 180 -5.49 -19.30 19.90
N LYS D 181 -6.49 -18.44 19.66
CA LYS D 181 -6.39 -17.02 20.00
C LYS D 181 -7.69 -16.51 20.63
N GLU D 182 -7.56 -15.45 21.41
CA GLU D 182 -8.71 -14.81 22.03
C GLU D 182 -9.00 -13.49 21.31
N PTR D 183 -8.26 -13.24 20.24
CA PTR D 183 -8.54 -12.10 19.38
C PTR D 183 -8.47 -12.52 17.92
O PTR D 183 -8.04 -13.64 17.59
CB PTR D 183 -7.59 -10.94 19.65
CG PTR D 183 -6.12 -11.31 19.58
CD1 PTR D 183 -5.45 -11.40 18.36
CD2 PTR D 183 -5.41 -11.55 20.74
CE1 PTR D 183 -4.10 -11.74 18.32
CE2 PTR D 183 -4.08 -11.87 20.72
CZ PTR D 183 -3.41 -11.95 19.51
OH PTR D 183 -2.15 -12.28 19.58
P PTR D 183 -0.95 -11.51 18.84
O1P PTR D 183 -1.43 -10.80 17.55
O2P PTR D 183 -0.35 -10.55 19.80
O3P PTR D 183 0.11 -12.57 18.46
N TYR D 184 -8.92 -11.63 17.06
CA TYR D 184 -8.87 -11.79 15.61
C TYR D 184 -8.25 -10.51 15.05
N LYS D 185 -7.19 -10.64 14.27
CA LYS D 185 -6.56 -9.47 13.67
C LYS D 185 -7.17 -9.35 12.28
N VAL D 186 -7.96 -8.31 12.07
CA VAL D 186 -8.65 -8.13 10.79
C VAL D 186 -7.66 -7.56 9.79
N LYS D 187 -7.56 -8.18 8.62
CA LYS D 187 -6.71 -7.69 7.56
C LYS D 187 -7.59 -7.51 6.31
N GLU D 188 -7.44 -6.39 5.71
CA GLU D 188 -8.52 -5.41 5.73
C GLU D 188 -9.57 -5.16 4.66
N PRO D 189 -9.17 -4.53 3.57
CA PRO D 189 -9.87 -3.29 3.14
C PRO D 189 -11.36 -3.22 3.43
N GLY D 190 -11.74 -2.71 4.61
CA GLY D 190 -13.14 -2.56 4.92
C GLY D 190 -13.49 -1.29 5.67
N GLU D 191 -14.76 -1.18 6.09
CA GLU D 191 -15.24 -0.01 6.81
C GLU D 191 -14.96 -0.13 8.30
N SER D 192 -14.55 0.97 8.92
CA SER D 192 -14.26 0.98 10.35
C SER D 192 -15.06 2.09 11.06
N PRO D 193 -15.95 1.75 11.99
CA PRO D 193 -16.65 2.73 12.85
C PRO D 193 -15.74 3.24 13.97
N ILE D 194 -14.75 4.04 13.60
CA ILE D 194 -13.62 4.34 14.47
C ILE D 194 -14.00 5.03 15.79
N PHE D 195 -15.14 5.73 15.84
CA PHE D 195 -15.51 6.40 17.08
C PHE D 195 -16.18 5.45 18.08
N TRP D 196 -16.35 4.18 17.71
CA TRP D 196 -16.76 3.12 18.60
C TRP D 196 -15.64 2.14 18.91
N TYR D 197 -14.48 2.30 18.27
CA TYR D 197 -13.41 1.32 18.32
C TYR D 197 -12.54 1.46 19.56
N ALA D 198 -12.18 0.33 20.16
CA ALA D 198 -11.18 0.30 21.21
C ALA D 198 -9.80 0.71 20.68
N PRO D 199 -8.92 1.22 21.56
CA PRO D 199 -7.60 1.66 21.08
C PRO D 199 -6.82 0.61 20.30
N GLU D 200 -6.81 -0.63 20.77
CA GLU D 200 -6.09 -1.69 20.08
C GLU D 200 -6.73 -2.04 18.74
N SER D 201 -8.02 -1.74 18.56
CA SER D 201 -8.62 -1.93 17.24
C SER D 201 -8.16 -0.85 16.28
N LEU D 202 -7.98 0.37 16.77
CA LEU D 202 -7.52 1.48 15.95
C LEU D 202 -6.04 1.31 15.57
N THR D 203 -5.22 0.89 16.51
CA THR D 203 -3.77 0.83 16.31
C THR D 203 -3.29 -0.47 15.70
N GLU D 204 -3.89 -1.62 16.08
CA GLU D 204 -3.40 -2.91 15.64
C GLU D 204 -4.44 -3.75 14.91
N SER D 205 -5.65 -3.22 14.70
CA SER D 205 -6.75 -3.96 14.08
C SER D 205 -7.05 -5.26 14.83
N LYS D 206 -6.88 -5.26 16.15
CA LYS D 206 -7.14 -6.43 16.98
C LYS D 206 -8.53 -6.35 17.59
N PHE D 207 -9.32 -7.39 17.39
CA PHE D 207 -10.71 -7.44 17.86
C PHE D 207 -10.95 -8.66 18.74
N SER D 208 -11.74 -8.46 19.79
CA SER D 208 -11.94 -9.45 20.86
C SER D 208 -13.25 -9.16 21.58
N VAL D 209 -13.61 -10.04 22.53
CA VAL D 209 -14.74 -9.73 23.41
C VAL D 209 -14.50 -8.40 24.13
N ALA D 210 -13.25 -8.12 24.49
CA ALA D 210 -12.98 -6.88 25.21
C ALA D 210 -13.16 -5.63 24.33
N SER D 211 -12.86 -5.70 23.02
CA SER D 211 -13.20 -4.55 22.17
C SER D 211 -14.72 -4.42 21.97
N ASP D 212 -15.46 -5.54 21.94
CA ASP D 212 -16.92 -5.45 21.93
C ASP D 212 -17.42 -4.76 23.20
N VAL D 213 -16.73 -4.98 24.33
CA VAL D 213 -17.12 -4.35 25.61
C VAL D 213 -16.84 -2.84 25.57
N TRP D 214 -15.69 -2.45 25.03
CA TRP D 214 -15.44 -1.02 24.77
C TRP D 214 -16.59 -0.41 23.96
N SER D 215 -16.96 -1.07 22.86
CA SER D 215 -18.04 -0.53 22.00
C SER D 215 -19.36 -0.49 22.76
N PHE D 216 -19.60 -1.47 23.62
CA PHE D 216 -20.80 -1.45 24.44
C PHE D 216 -20.82 -0.24 25.36
N GLY D 217 -19.67 0.11 25.92
CA GLY D 217 -19.60 1.36 26.68
C GLY D 217 -20.04 2.55 25.85
N VAL D 218 -19.61 2.59 24.56
CA VAL D 218 -20.08 3.68 23.68
C VAL D 218 -21.60 3.61 23.49
N VAL D 219 -22.15 2.40 23.35
CA VAL D 219 -23.60 2.23 23.20
C VAL D 219 -24.34 2.78 24.42
N LEU D 220 -23.83 2.47 25.62
CA LEU D 220 -24.45 2.98 26.84
C LEU D 220 -24.42 4.50 26.87
N TYR D 221 -23.25 5.07 26.52
CA TYR D 221 -23.16 6.53 26.35
C TYR D 221 -24.28 7.03 25.41
N GLU D 222 -24.39 6.41 24.23
CA GLU D 222 -25.40 6.80 23.25
C GLU D 222 -26.79 6.85 23.88
N LEU D 223 -27.18 5.73 24.52
CA LEU D 223 -28.49 5.65 25.17
C LEU D 223 -28.72 6.83 26.10
N PHE D 224 -27.74 7.13 26.95
CA PHE D 224 -28.03 8.18 27.93
C PHE D 224 -27.90 9.59 27.38
N THR D 225 -27.32 9.77 26.19
CA THR D 225 -27.47 11.08 25.55
C THR D 225 -28.83 11.25 24.88
N TYR D 226 -29.61 10.17 24.76
CA TYR D 226 -30.90 10.19 24.04
C TYR D 226 -30.74 10.70 22.62
N ILE D 227 -29.54 10.52 22.06
CA ILE D 227 -29.22 10.91 20.70
C ILE D 227 -29.47 12.42 20.54
N GLU D 228 -29.05 13.21 21.54
CA GLU D 228 -29.01 14.64 21.32
C GLU D 228 -28.00 14.91 20.22
N LYS D 229 -28.34 15.82 19.32
CA LYS D 229 -27.61 15.82 18.07
C LYS D 229 -26.17 16.32 18.27
N SER D 230 -25.97 17.35 19.11
CA SER D 230 -24.57 17.75 19.32
C SER D 230 -23.78 16.76 20.20
N LYS D 231 -24.40 15.70 20.72
CA LYS D 231 -23.78 14.82 21.69
C LYS D 231 -23.38 13.46 21.13
N SER D 232 -23.52 13.23 19.83
CA SER D 232 -23.13 11.94 19.25
C SER D 232 -21.63 11.70 19.45
N PRO D 233 -21.22 10.44 19.56
CA PRO D 233 -19.78 10.12 19.71
C PRO D 233 -18.93 10.74 18.62
N PRO D 234 -19.32 10.68 17.33
CA PRO D 234 -18.49 11.38 16.31
C PRO D 234 -18.38 12.87 16.58
N ALA D 235 -19.49 13.52 16.95
CA ALA D 235 -19.44 14.95 17.25
C ALA D 235 -18.55 15.24 18.46
N GLU D 236 -18.71 14.48 19.54
CA GLU D 236 -17.91 14.73 20.75
C GLU D 236 -16.42 14.53 20.48
N PHE D 237 -16.07 13.43 19.79
CA PHE D 237 -14.66 13.19 19.50
C PHE D 237 -14.11 14.23 18.53
N MET D 238 -14.87 14.59 17.49
CA MET D 238 -14.38 15.57 16.53
C MET D 238 -14.18 16.92 17.19
N ARG D 239 -15.04 17.27 18.14
CA ARG D 239 -14.82 18.50 18.90
C ARG D 239 -13.60 18.41 19.79
N MET D 240 -13.31 17.22 20.34
CA MET D 240 -12.15 17.11 21.24
C MET D 240 -10.83 17.07 20.47
N ILE D 241 -10.84 16.52 19.24
CA ILE D 241 -9.63 16.52 18.42
C ILE D 241 -9.56 17.71 17.48
N GLY D 242 -10.62 18.50 17.36
CA GLY D 242 -10.64 19.64 16.46
C GLY D 242 -11.24 19.31 15.11
N ASN D 243 -12.27 20.07 14.70
CA ASN D 243 -12.96 19.82 13.44
C ASN D 243 -12.15 20.18 12.20
N ASP D 244 -10.96 20.78 12.35
CA ASP D 244 -10.09 21.01 11.19
C ASP D 244 -9.52 19.72 10.62
N LYS D 245 -9.36 18.68 11.43
CA LYS D 245 -8.67 17.49 10.97
C LYS D 245 -9.51 16.71 9.94
N GLN D 246 -8.82 15.88 9.17
CA GLN D 246 -9.41 15.29 7.98
C GLN D 246 -8.75 13.97 7.65
N GLY D 247 -9.57 13.05 7.14
CA GLY D 247 -9.08 11.77 6.67
C GLY D 247 -8.33 11.04 7.75
N GLN D 248 -7.18 10.46 7.37
CA GLN D 248 -6.52 9.57 8.32
C GLN D 248 -5.93 10.33 9.50
N MET D 249 -5.59 11.61 9.35
CA MET D 249 -5.16 12.39 10.50
C MET D 249 -6.14 12.23 11.67
N ILE D 250 -7.44 12.20 11.38
CA ILE D 250 -8.45 12.01 12.42
C ILE D 250 -8.10 10.78 13.27
N VAL D 251 -7.93 9.63 12.62
CA VAL D 251 -7.69 8.39 13.37
C VAL D 251 -6.48 8.57 14.28
N PHE D 252 -5.40 9.15 13.73
CA PHE D 252 -4.18 9.29 14.52
C PHE D 252 -4.44 10.14 15.75
N HIS D 253 -5.12 11.27 15.56
CA HIS D 253 -5.40 12.12 16.70
C HIS D 253 -6.31 11.40 17.70
N LEU D 254 -7.28 10.63 17.19
CA LEU D 254 -8.13 9.83 18.05
C LEU D 254 -7.28 8.91 18.91
N ILE D 255 -6.32 8.21 18.29
CA ILE D 255 -5.46 7.32 19.04
C ILE D 255 -4.78 8.08 20.17
N GLU D 256 -4.23 9.25 19.84
CA GLU D 256 -3.47 10.00 20.84
C GLU D 256 -4.39 10.47 21.94
N LEU D 257 -5.62 10.85 21.57
CA LEU D 257 -6.60 11.27 22.58
C LEU D 257 -6.90 10.13 23.54
N LEU D 258 -7.01 8.91 23.03
CA LEU D 258 -7.33 7.80 23.91
C LEU D 258 -6.16 7.43 24.81
N LYS D 259 -4.92 7.76 24.39
CA LYS D 259 -3.76 7.38 25.20
C LYS D 259 -3.62 8.27 26.42
N ASN D 260 -4.01 9.53 26.30
CA ASN D 260 -4.00 10.48 27.39
C ASN D 260 -5.32 10.51 28.12
N ASN D 261 -6.08 9.41 28.04
CA ASN D 261 -7.32 9.19 28.78
C ASN D 261 -8.40 10.22 28.44
N GLY D 262 -8.36 10.80 27.24
CA GLY D 262 -9.51 11.54 26.76
C GLY D 262 -10.66 10.58 26.57
N ARG D 263 -11.84 10.97 27.03
CA ARG D 263 -13.01 10.10 27.02
C ARG D 263 -14.23 10.94 26.71
N LEU D 264 -15.28 10.27 26.26
CA LEU D 264 -16.57 10.93 26.11
C LEU D 264 -17.05 11.44 27.46
N PRO D 265 -17.71 12.60 27.51
CA PRO D 265 -18.14 13.16 28.79
C PRO D 265 -19.35 12.42 29.36
N ARG D 266 -19.60 12.67 30.64
CA ARG D 266 -20.81 12.17 31.26
C ARG D 266 -22.01 12.85 30.59
N PRO D 267 -22.98 12.09 30.05
CA PRO D 267 -24.13 12.73 29.39
C PRO D 267 -24.97 13.51 30.39
N ASP D 268 -25.65 14.54 29.89
CA ASP D 268 -26.48 15.37 30.75
C ASP D 268 -27.54 14.50 31.45
N GLY D 269 -27.62 14.62 32.77
CA GLY D 269 -28.59 13.85 33.52
C GLY D 269 -28.23 12.39 33.74
N CYS D 270 -27.06 11.96 33.28
CA CYS D 270 -26.67 10.57 33.48
C CYS D 270 -26.19 10.35 34.90
N PRO D 271 -26.77 9.41 35.64
CA PRO D 271 -26.29 9.12 36.99
C PRO D 271 -24.85 8.64 36.99
N ASP D 272 -24.17 8.83 38.12
CA ASP D 272 -22.73 8.55 38.17
C ASP D 272 -22.42 7.06 38.12
N GLU D 273 -23.28 6.18 38.64
CA GLU D 273 -22.96 4.76 38.59
C GLU D 273 -23.05 4.22 37.16
N ILE D 274 -23.94 4.81 36.34
CA ILE D 274 -24.01 4.45 34.93
C ILE D 274 -22.77 4.95 34.19
N TYR D 275 -22.38 6.22 34.44
CA TYR D 275 -21.18 6.76 33.82
C TYR D 275 -19.96 5.98 34.24
N MET D 276 -19.97 5.44 35.47
CA MET D 276 -18.87 4.63 35.98
C MET D 276 -18.79 3.29 35.24
N ILE D 277 -19.93 2.70 34.91
CA ILE D 277 -19.91 1.53 34.03
C ILE D 277 -19.29 1.89 32.67
N MET D 278 -19.69 3.03 32.10
CA MET D 278 -19.13 3.43 30.81
C MET D 278 -17.61 3.56 30.88
N THR D 279 -17.11 4.29 31.88
CA THR D 279 -15.66 4.53 31.93
C THR D 279 -14.89 3.26 32.25
N GLU D 280 -15.52 2.32 32.95
CA GLU D 280 -14.88 1.02 33.16
C GLU D 280 -14.80 0.22 31.87
N CYS D 281 -15.79 0.38 30.99
CA CYS D 281 -15.69 -0.32 29.71
C CYS D 281 -14.62 0.31 28.82
N TRP D 282 -14.25 1.56 29.07
CA TRP D 282 -13.24 2.27 28.29
C TRP D 282 -11.87 2.21 28.93
N ASN D 283 -11.48 1.07 29.48
CA ASN D 283 -10.15 0.91 30.02
C ASN D 283 -9.17 0.64 28.88
N ASN D 284 -8.07 1.40 28.85
CA ASN D 284 -7.02 1.15 27.86
C ASN D 284 -6.53 -0.29 27.90
N ASN D 285 -6.45 -0.91 29.09
CA ASN D 285 -6.01 -2.30 29.21
C ASN D 285 -7.19 -3.25 28.96
N VAL D 286 -7.06 -4.14 27.97
CA VAL D 286 -8.21 -4.98 27.61
C VAL D 286 -8.64 -5.87 28.77
N ASN D 287 -7.70 -6.28 29.62
CA ASN D 287 -7.97 -7.22 30.70
C ASN D 287 -8.66 -6.57 31.89
N GLN D 288 -8.72 -5.24 31.94
CA GLN D 288 -9.44 -4.54 32.98
C GLN D 288 -10.82 -4.09 32.54
N ARG D 289 -11.29 -4.56 31.36
CA ARG D 289 -12.68 -4.31 30.98
C ARG D 289 -13.57 -5.43 31.50
N PRO D 290 -14.75 -5.09 32.02
CA PRO D 290 -15.66 -6.12 32.56
C PRO D 290 -16.16 -7.05 31.47
N SER D 291 -16.57 -8.24 31.88
CA SER D 291 -17.23 -9.18 31.01
C SER D 291 -18.69 -8.77 30.81
N PHE D 292 -19.32 -9.31 29.77
CA PHE D 292 -20.72 -9.04 29.53
C PHE D 292 -21.59 -9.64 30.64
N ARG D 293 -21.17 -10.78 31.22
CA ARG D 293 -21.88 -11.33 32.38
C ARG D 293 -21.84 -10.35 33.55
N ASP D 294 -20.65 -9.79 33.84
CA ASP D 294 -20.55 -8.80 34.90
C ASP D 294 -21.45 -7.62 34.60
N LEU D 295 -21.50 -7.20 33.33
CA LEU D 295 -22.30 -6.03 32.96
C LEU D 295 -23.79 -6.30 33.17
N ALA D 296 -24.28 -7.47 32.73
CA ALA D 296 -25.67 -7.84 32.92
C ALA D 296 -26.03 -7.86 34.40
N LEU D 297 -25.17 -8.48 35.22
CA LEU D 297 -25.44 -8.57 36.66
C LEU D 297 -25.48 -7.18 37.28
N ARG D 298 -24.48 -6.35 36.97
CA ARG D 298 -24.38 -5.03 37.56
C ARG D 298 -25.56 -4.16 37.16
N VAL D 299 -25.96 -4.22 35.89
CA VAL D 299 -27.09 -3.44 35.40
C VAL D 299 -28.39 -3.89 36.03
N ASP D 300 -28.58 -5.21 36.17
CA ASP D 300 -29.79 -5.74 36.81
C ASP D 300 -29.85 -5.32 38.28
N GLN D 301 -28.68 -5.24 38.92
CA GLN D 301 -28.61 -4.84 40.32
C GLN D 301 -28.98 -3.38 40.47
N ILE D 302 -28.51 -2.54 39.53
CA ILE D 302 -28.90 -1.13 39.51
C ILE D 302 -30.40 -1.00 39.24
N ARG D 303 -30.93 -1.83 38.34
CA ARG D 303 -32.36 -1.81 38.04
C ARG D 303 -33.17 -2.11 39.29
N ASP D 304 -32.77 -3.16 40.02
CA ASP D 304 -33.47 -3.54 41.24
C ASP D 304 -33.40 -2.45 42.30
N ASN D 305 -32.24 -1.80 42.41
CA ASN D 305 -32.12 -0.69 43.33
C ASN D 305 -33.08 0.44 42.95
N MET D 306 -33.21 0.72 41.65
CA MET D 306 -34.09 1.80 41.25
C MET D 306 -35.56 1.44 41.42
N ALA D 307 -35.92 0.16 41.30
CA ALA D 307 -37.32 -0.23 41.36
C ALA D 307 -37.81 -0.47 42.79
N GLY D 308 -36.92 -0.51 43.77
CA GLY D 308 -37.30 -0.66 45.17
C GLY D 308 -36.53 0.25 46.12
CAK RXT E . 43.15 13.69 -10.27
CAH RXT E . 43.98 13.20 -9.31
CAI RXT E . 45.53 13.35 -9.89
CAL RXT E . 45.46 13.24 -11.25
CAU RXT E . 43.92 13.39 -11.64
CAV RXT E . 43.40 12.05 -12.16
CAJ RXT E . 41.86 12.07 -12.22
CAB RXT E . 41.31 10.68 -12.54
NAA RXT E . 40.92 9.64 -12.74
NAW RXT E . 43.92 11.65 -13.48
CAG RXT E . 44.26 10.42 -13.76
NAO RXT E . 44.12 12.43 -14.59
CAF RXT E . 44.61 11.65 -15.57
CAQ RXT E . 44.70 10.36 -15.05
CAR RXT E . 45.17 9.12 -15.79
NAM RXT E . 45.26 9.16 -17.10
CAE RXT E . 45.63 8.09 -17.82
NAP RXT E . 45.93 6.96 -17.22
CAT RXT E . 45.85 6.83 -15.87
CAS RXT E . 45.47 7.90 -15.10
CAD RXT E . 45.49 7.45 -13.76
CAC RXT E . 45.89 6.13 -13.77
NAN RXT E . 46.10 5.78 -15.04
CAK RXT F . 18.49 -7.65 8.48
CAH RXT F . 18.68 -8.05 7.17
CAI RXT F . 18.71 -9.71 7.19
CAL RXT F . 19.38 -10.02 8.34
CAU RXT F . 19.12 -8.81 9.35
CAV RXT F . 18.12 -9.24 10.41
CAJ RXT F . 18.66 -10.48 11.10
CAB RXT F . 17.77 -10.96 12.24
NAA RXT F . 17.04 -11.41 12.98
NAW RXT F . 17.93 -8.24 11.44
CAG RXT F . 16.77 -7.93 11.94
NAO RXT F . 18.91 -7.50 12.04
CAF RXT F . 18.33 -6.70 12.94
CAQ RXT F . 16.97 -6.96 12.89
CAR RXT F . 15.92 -6.33 13.81
NAM RXT F . 16.35 -5.60 14.83
CAE RXT F . 15.50 -5.05 15.69
NAP RXT F . 14.21 -5.20 15.56
CAT RXT F . 13.67 -5.96 14.57
CAS RXT F . 14.53 -6.55 13.66
CAD RXT F . 13.68 -7.24 12.76
CAC RXT F . 12.36 -7.04 13.15
NAN RXT F . 12.37 -6.28 14.24
CAK RXT G . -26.71 21.56 -24.20
CAH RXT G . -27.69 21.64 -23.23
CAI RXT G . -28.25 20.11 -22.92
CAL RXT G . -28.04 19.38 -24.05
CAU RXT G . -26.74 20.04 -24.71
CAV RXT G . -25.53 19.27 -24.18
CAJ RXT G . -25.70 17.72 -24.21
CAB RXT G . -24.68 17.12 -23.36
NAA RXT G . -23.96 16.69 -22.69
NAW RXT G . -24.27 19.60 -24.83
CAG RXT G . -23.17 19.88 -24.17
NAO RXT G . -24.05 19.63 -26.19
CAF RXT G . -22.76 19.91 -26.35
CAQ RXT G . -22.17 20.08 -25.09
CAR RXT G . -20.70 20.36 -24.79
NAM RXT G . -19.81 20.21 -25.76
CAE RXT G . -18.51 20.40 -25.57
NAP RXT G . -18.03 20.71 -24.39
CAT RXT G . -18.86 20.83 -23.30
CAS RXT G . -20.22 20.65 -23.47
CAD RXT G . -20.79 20.85 -22.18
CAC RXT G . -19.75 21.16 -21.30
NAN RXT G . -18.60 21.13 -21.98
CAK RXT H . -27.28 -1.85 8.11
CAH RXT H . -26.85 -2.15 6.84
CAI RXT H . -28.24 -2.30 5.94
CAL RXT H . -29.30 -2.20 6.79
CAU RXT H . -28.59 -2.74 8.08
CAV RXT H . -29.39 -2.66 9.37
CAJ RXT H . -28.92 -1.63 10.42
CAB RXT H . -29.36 -2.35 11.70
NAA RXT H . -29.66 -2.98 12.60
NAW RXT H . -30.84 -2.56 9.29
CAG RXT H . -31.61 -3.56 9.57
NAO RXT H . -31.57 -1.45 9.01
CAF RXT H . -32.86 -1.79 9.09
CAQ RXT H . -32.91 -3.14 9.43
CAR RXT H . -34.14 -3.98 9.71
NAM RXT H . -35.31 -3.37 9.89
CAE RXT H . -36.41 -4.06 10.19
NAP RXT H . -36.38 -5.37 10.36
CAT RXT H . -35.22 -6.07 10.24
CAS RXT H . -34.06 -5.39 9.91
CAD RXT H . -33.05 -6.38 9.86
CAC RXT H . -33.62 -7.62 10.14
NAN RXT H . -34.92 -7.40 10.37
#